data_1M6H
#
_entry.id   1M6H
#
_cell.length_a   78.620
_cell.length_b   78.620
_cell.length_c   309.659
_cell.angle_alpha   90.00
_cell.angle_beta   90.00
_cell.angle_gamma   90.00
#
_symmetry.space_group_name_H-M   'P 43 21 2'
#
loop_
_entity.id
_entity.type
_entity.pdbx_description
1 polymer 'Glutathione-dependent formaldehyde dehydrogenase'
2 non-polymer 'ZINC ION'
3 non-polymer 'POTASSIUM ION'
4 non-polymer 'PHOSPHATE ION'
5 water water
#
_entity_poly.entity_id   1
_entity_poly.type   'polypeptide(L)'
_entity_poly.pdbx_seq_one_letter_code
;ANEVIKCKAAVAWEAGKPLSIEEIEVAPPKAHEVRIKIIATAVCHTDAYTLSGADPEGCFPVILGHEGAGIVESVGEGVT
KLKAGDTVIPLYIPQCGECKFCLNPKTNLCQKIRVTQGKGLMPDGTSRFTCKGKTILHYMGTSTFSEYTVVADISVAKID
PLAPLDKVCLLGCGISTGYGAAVNTAKLEPGSVCAVFGLGGVGLAVIMGCKVAGASRIIGVDINKDKFARAKEFGATECI
NPQDFSKPIQEVLIEMTDGGVDYSFECIGNVKVMRAALEACHKGWGVSVVVGVAASGEEIATRPFQLVTGRTWKGTAFGG
WKSVESVPKLVSEYMSKKIKVDEFVTHNLSFDEINKAFELMHSGKSIRTVVKI
;
_entity_poly.pdbx_strand_id   A,B
#
# COMPACT_ATOMS: atom_id res chain seq x y z
N ALA A 1 -4.74 32.93 40.87
CA ALA A 1 -4.83 31.44 40.70
C ALA A 1 -5.97 31.08 39.76
N ASN A 2 -5.86 29.91 39.14
CA ASN A 2 -6.88 29.44 38.21
C ASN A 2 -8.05 28.80 38.96
N GLU A 3 -9.23 29.38 38.79
CA GLU A 3 -10.44 28.90 39.43
C GLU A 3 -11.21 27.94 38.55
N VAL A 4 -12.24 27.33 39.14
CA VAL A 4 -13.11 26.43 38.40
C VAL A 4 -13.95 27.38 37.55
N ILE A 5 -14.26 26.99 36.32
CA ILE A 5 -15.08 27.85 35.48
C ILE A 5 -16.46 27.28 35.24
N LYS A 6 -17.47 28.12 35.39
CA LYS A 6 -18.85 27.73 35.15
C LYS A 6 -19.21 28.33 33.81
N CYS A 7 -19.54 27.48 32.85
CA CYS A 7 -19.87 27.97 31.52
C CYS A 7 -20.87 27.06 30.82
N LYS A 8 -21.14 27.37 29.56
CA LYS A 8 -22.08 26.60 28.76
C LYS A 8 -21.33 25.59 27.89
N ALA A 9 -21.97 24.45 27.65
CA ALA A 9 -21.39 23.41 26.82
C ALA A 9 -22.50 22.55 26.26
N ALA A 10 -22.25 21.94 25.11
CA ALA A 10 -23.24 21.08 24.48
C ALA A 10 -22.91 19.66 24.93
N VAL A 11 -23.72 19.13 25.85
CA VAL A 11 -23.49 17.80 26.38
C VAL A 11 -24.31 16.71 25.71
N ALA A 12 -23.65 15.60 25.42
CA ALA A 12 -24.31 14.44 24.83
C ALA A 12 -24.46 13.46 25.99
N TRP A 13 -25.64 13.43 26.59
CA TRP A 13 -25.89 12.55 27.72
C TRP A 13 -25.97 11.09 27.29
N GLU A 14 -26.45 10.87 26.08
CA GLU A 14 -26.58 9.52 25.54
C GLU A 14 -26.58 9.58 24.03
N ALA A 15 -26.39 8.42 23.40
CA ALA A 15 -26.37 8.33 21.95
C ALA A 15 -27.77 8.45 21.37
N GLY A 16 -27.85 8.80 20.10
CA GLY A 16 -29.14 8.92 19.45
C GLY A 16 -30.01 10.11 19.81
N LYS A 17 -29.58 10.93 20.76
CA LYS A 17 -30.36 12.08 21.17
C LYS A 17 -29.65 13.40 20.85
N PRO A 18 -30.42 14.50 20.74
CA PRO A 18 -29.82 15.81 20.44
C PRO A 18 -28.93 16.25 21.59
N LEU A 19 -27.90 17.03 21.28
CA LEU A 19 -27.01 17.53 22.32
C LEU A 19 -27.83 18.50 23.16
N SER A 20 -27.50 18.61 24.45
CA SER A 20 -28.23 19.52 25.31
C SER A 20 -27.33 20.62 25.85
N ILE A 21 -27.77 21.86 25.67
CA ILE A 21 -27.03 23.00 26.16
C ILE A 21 -27.15 22.96 27.68
N GLU A 22 -26.04 22.69 28.35
CA GLU A 22 -26.03 22.61 29.80
C GLU A 22 -25.07 23.65 30.38
N GLU A 23 -25.16 23.85 31.68
CA GLU A 23 -24.25 24.75 32.36
C GLU A 23 -23.31 23.76 33.03
N ILE A 24 -22.02 23.87 32.76
CA ILE A 24 -21.05 22.94 33.33
C ILE A 24 -19.97 23.63 34.13
N GLU A 25 -19.12 22.82 34.76
CA GLU A 25 -17.99 23.34 35.52
C GLU A 25 -16.74 22.78 34.85
N VAL A 26 -15.80 23.67 34.57
CA VAL A 26 -14.53 23.26 33.96
C VAL A 26 -13.42 23.50 34.97
N ALA A 27 -12.85 22.41 35.46
CA ALA A 27 -11.77 22.50 36.44
C ALA A 27 -10.56 23.22 35.87
N PRO A 28 -9.73 23.82 36.74
CA PRO A 28 -8.54 24.53 36.26
C PRO A 28 -7.54 23.54 35.67
N PRO A 29 -6.57 24.04 34.89
CA PRO A 29 -5.54 23.22 34.25
C PRO A 29 -4.56 22.59 35.25
N LYS A 30 -4.47 21.27 35.25
CA LYS A 30 -3.52 20.60 36.13
C LYS A 30 -2.15 20.70 35.47
N ALA A 31 -1.15 20.02 36.03
CA ALA A 31 0.20 20.05 35.46
C ALA A 31 0.17 19.69 33.97
N HIS A 32 0.94 20.42 33.18
CA HIS A 32 1.03 20.21 31.74
C HIS A 32 -0.30 20.12 30.99
N GLU A 33 -1.24 20.98 31.39
CA GLU A 33 -2.54 21.06 30.75
C GLU A 33 -2.78 22.51 30.35
N VAL A 34 -3.73 22.74 29.45
CA VAL A 34 -4.04 24.08 28.96
C VAL A 34 -5.55 24.27 28.85
N ARG A 35 -6.07 25.33 29.46
CA ARG A 35 -7.50 25.60 29.39
C ARG A 35 -7.68 26.63 28.28
N ILE A 36 -8.52 26.28 27.30
CA ILE A 36 -8.75 27.14 26.16
C ILE A 36 -10.17 27.70 26.08
N LYS A 37 -10.27 28.97 25.71
CA LYS A 37 -11.58 29.58 25.52
C LYS A 37 -11.88 29.33 24.05
N ILE A 38 -12.90 28.52 23.77
CA ILE A 38 -13.24 28.22 22.39
C ILE A 38 -14.05 29.37 21.80
N ILE A 39 -13.60 29.88 20.65
CA ILE A 39 -14.26 30.98 19.98
C ILE A 39 -15.17 30.50 18.85
N ALA A 40 -14.73 29.46 18.16
CA ALA A 40 -15.52 28.90 17.07
C ALA A 40 -15.25 27.42 16.91
N THR A 41 -16.27 26.69 16.49
CA THR A 41 -16.13 25.26 16.29
C THR A 41 -17.06 24.83 15.15
N ALA A 42 -16.89 23.60 14.69
CA ALA A 42 -17.72 23.08 13.60
C ALA A 42 -17.95 21.59 13.82
N VAL A 43 -18.86 21.02 13.05
CA VAL A 43 -19.18 19.61 13.17
C VAL A 43 -18.58 18.79 12.04
N CYS A 44 -17.89 17.71 12.42
CA CYS A 44 -17.25 16.81 11.47
C CYS A 44 -18.06 15.51 11.47
N HIS A 45 -17.99 14.76 10.38
CA HIS A 45 -18.74 13.50 10.31
C HIS A 45 -18.46 12.58 11.49
N THR A 46 -17.24 12.66 12.03
CA THR A 46 -16.86 11.81 13.15
C THR A 46 -17.64 12.15 14.43
N ASP A 47 -17.92 13.43 14.65
CA ASP A 47 -18.69 13.83 15.83
C ASP A 47 -20.07 13.20 15.72
N ALA A 48 -20.67 13.34 14.53
CA ALA A 48 -22.00 12.80 14.28
C ALA A 48 -22.02 11.29 14.45
N TYR A 49 -20.97 10.62 13.97
CA TYR A 49 -20.86 9.17 14.07
C TYR A 49 -20.92 8.73 15.54
N THR A 50 -20.08 9.35 16.37
CA THR A 50 -20.05 9.01 17.79
C THR A 50 -21.41 9.26 18.44
N LEU A 51 -22.04 10.37 18.10
CA LEU A 51 -23.34 10.70 18.68
C LEU A 51 -24.43 9.73 18.24
N SER A 52 -24.31 9.20 17.03
CA SER A 52 -25.31 8.27 16.50
C SER A 52 -25.43 7.03 17.39
N GLY A 53 -24.33 6.67 18.04
CA GLY A 53 -24.33 5.51 18.91
C GLY A 53 -23.84 4.26 18.21
N ALA A 54 -23.50 4.38 16.94
CA ALA A 54 -23.02 3.25 16.16
C ALA A 54 -21.54 2.99 16.39
N ASP A 55 -20.96 3.68 17.36
CA ASP A 55 -19.54 3.53 17.66
C ASP A 55 -19.30 2.70 18.92
N PRO A 56 -18.61 1.56 18.77
CA PRO A 56 -18.29 0.64 19.87
C PRO A 56 -17.62 1.30 21.07
N GLU A 57 -16.52 2.01 20.82
CA GLU A 57 -15.80 2.68 21.90
C GLU A 57 -16.28 4.10 22.18
N GLY A 58 -17.53 4.37 21.84
CA GLY A 58 -18.09 5.69 22.09
C GLY A 58 -18.75 5.67 23.45
N CYS A 59 -18.27 6.52 24.36
CA CYS A 59 -18.81 6.56 25.72
C CYS A 59 -19.66 7.81 25.99
N PHE A 60 -20.47 7.74 27.03
CA PHE A 60 -21.36 8.84 27.39
C PHE A 60 -21.52 8.99 28.91
N PRO A 61 -21.82 10.22 29.38
CA PRO A 61 -22.01 11.40 28.56
C PRO A 61 -20.67 11.97 28.11
N VAL A 62 -20.70 12.82 27.10
CA VAL A 62 -19.48 13.39 26.57
C VAL A 62 -19.68 14.74 25.89
N ILE A 63 -18.62 15.53 25.88
CA ILE A 63 -18.62 16.83 25.22
C ILE A 63 -17.83 16.59 23.95
N LEU A 64 -18.54 16.45 22.83
CA LEU A 64 -17.92 16.19 21.55
C LEU A 64 -17.27 17.43 20.94
N GLY A 65 -16.89 17.33 19.66
CA GLY A 65 -16.27 18.43 18.96
C GLY A 65 -14.76 18.37 18.89
N HIS A 66 -14.20 18.43 17.68
CA HIS A 66 -12.75 18.40 17.53
C HIS A 66 -12.20 19.37 16.48
N GLU A 67 -13.09 20.17 15.89
CA GLU A 67 -12.68 21.18 14.93
C GLU A 67 -12.95 22.51 15.64
N GLY A 68 -11.91 23.11 16.20
CA GLY A 68 -12.10 24.36 16.91
C GLY A 68 -10.90 25.28 16.91
N ALA A 69 -11.14 26.50 17.35
CA ALA A 69 -10.08 27.50 17.43
C ALA A 69 -10.44 28.41 18.60
N GLY A 70 -9.43 28.87 19.31
CA GLY A 70 -9.72 29.72 20.46
C GLY A 70 -8.50 30.44 20.99
N ILE A 71 -8.58 30.78 22.27
CA ILE A 71 -7.51 31.52 22.95
C ILE A 71 -7.20 30.88 24.30
N VAL A 72 -5.91 30.80 24.62
CA VAL A 72 -5.49 30.23 25.90
C VAL A 72 -6.00 31.09 27.04
N GLU A 73 -6.78 30.48 27.93
CA GLU A 73 -7.33 31.17 29.09
C GLU A 73 -6.32 31.05 30.25
N SER A 74 -5.73 29.87 30.40
CA SER A 74 -4.72 29.64 31.45
C SER A 74 -4.00 28.31 31.22
N VAL A 75 -2.85 28.16 31.87
CA VAL A 75 -2.07 26.94 31.73
C VAL A 75 -1.71 26.37 33.10
N GLY A 76 -1.48 25.07 33.17
CA GLY A 76 -1.14 24.46 34.45
C GLY A 76 0.35 24.46 34.72
N GLU A 77 0.74 23.78 35.81
CA GLU A 77 2.14 23.69 36.21
C GLU A 77 3.04 23.20 35.07
N GLY A 78 4.25 23.73 35.01
CA GLY A 78 5.21 23.31 34.01
C GLY A 78 5.05 23.79 32.58
N VAL A 79 3.93 24.44 32.27
CA VAL A 79 3.70 24.93 30.92
C VAL A 79 4.37 26.29 30.74
N THR A 80 5.35 26.35 29.85
CA THR A 80 6.06 27.60 29.60
C THR A 80 5.98 28.06 28.14
N LYS A 81 5.72 27.14 27.23
CA LYS A 81 5.63 27.47 25.81
C LYS A 81 4.33 28.21 25.45
N LEU A 82 3.30 28.00 26.26
CA LEU A 82 2.01 28.64 26.03
C LEU A 82 1.65 29.53 27.22
N LYS A 83 0.83 30.54 26.96
CA LYS A 83 0.40 31.47 28.00
C LYS A 83 -0.96 32.06 27.66
N ALA A 84 -1.61 32.64 28.66
CA ALA A 84 -2.92 33.24 28.47
C ALA A 84 -2.85 34.26 27.33
N GLY A 85 -3.80 34.18 26.41
CA GLY A 85 -3.83 35.11 25.30
C GLY A 85 -3.34 34.53 23.99
N ASP A 86 -2.58 33.44 24.03
CA ASP A 86 -2.09 32.83 22.79
C ASP A 86 -3.25 32.35 21.94
N THR A 87 -3.12 32.50 20.62
CA THR A 87 -4.14 32.06 19.69
C THR A 87 -3.81 30.60 19.37
N VAL A 88 -4.78 29.71 19.52
CA VAL A 88 -4.50 28.30 19.30
C VAL A 88 -5.61 27.47 18.66
N ILE A 89 -5.23 26.26 18.27
CA ILE A 89 -6.12 25.28 17.69
C ILE A 89 -5.85 23.97 18.43
N PRO A 90 -6.90 23.37 19.00
CA PRO A 90 -6.90 22.11 19.76
C PRO A 90 -6.60 20.96 18.80
N LEU A 91 -5.77 20.02 19.22
CA LEU A 91 -5.37 18.90 18.37
C LEU A 91 -5.77 17.52 18.88
N TYR A 92 -6.45 16.74 18.04
CA TYR A 92 -6.81 15.40 18.47
C TYR A 92 -5.66 14.44 18.20
N ILE A 93 -4.68 14.91 17.44
CA ILE A 93 -3.47 14.16 17.16
C ILE A 93 -2.38 15.01 17.77
N PRO A 94 -1.82 14.58 18.91
CA PRO A 94 -0.76 15.30 19.62
C PRO A 94 0.60 15.23 18.94
N GLN A 95 1.57 15.87 19.57
CA GLN A 95 2.95 15.86 19.13
C GLN A 95 3.80 16.17 20.36
N CYS A 96 4.05 15.13 21.15
CA CYS A 96 4.84 15.30 22.36
C CYS A 96 6.28 15.64 21.96
N GLY A 97 6.63 15.25 20.74
CA GLY A 97 7.97 15.51 20.22
C GLY A 97 9.09 14.65 20.76
N GLU A 98 8.76 13.62 21.54
CA GLU A 98 9.80 12.76 22.12
C GLU A 98 9.60 11.25 21.93
N CYS A 99 8.36 10.82 21.68
CA CYS A 99 8.12 9.39 21.51
C CYS A 99 8.70 8.87 20.20
N LYS A 100 8.71 7.54 20.03
CA LYS A 100 9.27 6.93 18.83
C LYS A 100 8.54 7.42 17.58
N PHE A 101 7.24 7.67 17.70
CA PHE A 101 6.46 8.13 16.56
C PHE A 101 6.80 9.57 16.16
N CYS A 102 6.83 10.48 17.14
CA CYS A 102 7.13 11.87 16.85
C CYS A 102 8.52 12.06 16.27
N LEU A 103 9.46 11.21 16.67
CA LEU A 103 10.83 11.29 16.18
C LEU A 103 10.99 10.68 14.80
N ASN A 104 10.00 9.91 14.36
CA ASN A 104 10.06 9.27 13.05
C ASN A 104 9.37 10.17 12.01
N PRO A 105 10.11 10.60 10.98
CA PRO A 105 9.61 11.47 9.90
C PRO A 105 8.45 10.88 9.09
N LYS A 106 8.30 9.56 9.14
CA LYS A 106 7.27 8.87 8.37
C LYS A 106 5.89 8.80 8.99
N THR A 107 5.70 9.38 10.18
CA THR A 107 4.40 9.31 10.83
C THR A 107 4.12 10.54 11.71
N ASN A 108 2.85 10.71 12.08
CA ASN A 108 2.44 11.83 12.93
C ASN A 108 1.60 11.30 14.08
N LEU A 109 1.56 9.98 14.21
CA LEU A 109 0.76 9.36 15.26
C LEU A 109 1.37 9.27 16.65
N CYS A 110 1.57 10.42 17.29
CA CYS A 110 2.12 10.46 18.64
C CYS A 110 1.28 9.56 19.53
N GLN A 111 1.92 8.70 20.32
CA GLN A 111 1.21 7.77 21.18
C GLN A 111 1.24 8.13 22.67
N LYS A 112 1.95 9.19 23.03
CA LYS A 112 2.08 9.57 24.44
C LYS A 112 0.83 9.58 25.30
N ILE A 113 -0.30 10.00 24.74
CA ILE A 113 -1.54 10.06 25.54
C ILE A 113 -2.74 9.38 24.91
N ARG A 114 -2.50 8.53 23.91
CA ARG A 114 -3.55 7.81 23.20
C ARG A 114 -4.52 7.04 24.11
N VAL A 115 -3.97 6.29 25.05
CA VAL A 115 -4.78 5.49 25.96
C VAL A 115 -5.78 6.31 26.76
N THR A 116 -5.28 7.30 27.51
CA THR A 116 -6.19 8.13 28.29
C THR A 116 -7.16 8.89 27.38
N GLN A 117 -6.68 9.38 26.25
CA GLN A 117 -7.55 10.12 25.33
C GLN A 117 -8.70 9.25 24.83
N GLY A 118 -8.40 8.00 24.50
CA GLY A 118 -9.43 7.10 24.03
C GLY A 118 -10.51 6.87 25.07
N LYS A 119 -10.18 7.16 26.33
CA LYS A 119 -11.13 6.98 27.42
C LYS A 119 -11.82 8.28 27.81
N GLY A 120 -11.57 9.35 27.05
CA GLY A 120 -12.17 10.63 27.35
C GLY A 120 -11.63 11.24 28.62
N LEU A 121 -10.35 11.00 28.89
CA LEU A 121 -9.69 11.51 30.08
C LEU A 121 -8.41 12.24 29.74
N MET A 122 -7.95 13.07 30.68
CA MET A 122 -6.70 13.80 30.50
C MET A 122 -5.60 12.78 30.83
N PRO A 123 -4.34 13.10 30.53
CA PRO A 123 -3.22 12.18 30.81
C PRO A 123 -3.18 11.57 32.21
N ASP A 124 -3.68 12.29 33.22
CA ASP A 124 -3.67 11.79 34.59
C ASP A 124 -4.82 10.83 34.90
N GLY A 125 -5.60 10.50 33.87
CA GLY A 125 -6.72 9.58 34.06
C GLY A 125 -7.99 10.15 34.67
N THR A 126 -8.15 11.46 34.60
CA THR A 126 -9.36 12.10 35.15
C THR A 126 -9.90 13.10 34.13
N SER A 127 -11.16 13.50 34.34
CA SER A 127 -11.83 14.47 33.47
C SER A 127 -11.96 15.82 34.17
N ARG A 128 -11.90 16.90 33.39
CA ARG A 128 -12.01 18.25 33.95
C ARG A 128 -13.44 18.76 33.87
N PHE A 129 -14.33 17.94 33.32
CA PHE A 129 -15.73 18.34 33.17
C PHE A 129 -16.69 17.70 34.15
N THR A 130 -17.65 18.50 34.61
CA THR A 130 -18.69 18.05 35.52
C THR A 130 -19.96 18.81 35.17
N CYS A 131 -21.11 18.17 35.36
CA CYS A 131 -22.40 18.78 35.07
C CYS A 131 -23.49 18.05 35.84
N LYS A 132 -24.25 18.81 36.63
CA LYS A 132 -25.32 18.24 37.44
C LYS A 132 -24.81 17.10 38.33
N GLY A 133 -23.61 17.28 38.88
CA GLY A 133 -23.03 16.27 39.75
C GLY A 133 -22.49 15.05 39.02
N LYS A 134 -22.57 15.07 37.70
CA LYS A 134 -22.08 13.95 36.90
C LYS A 134 -20.78 14.33 36.19
N THR A 135 -19.86 13.37 36.09
CA THR A 135 -18.60 13.61 35.40
C THR A 135 -18.87 13.49 33.91
N ILE A 136 -18.35 14.43 33.12
CA ILE A 136 -18.54 14.42 31.68
C ILE A 136 -17.20 14.11 31.03
N LEU A 137 -17.19 13.16 30.11
CA LEU A 137 -15.96 12.76 29.43
C LEU A 137 -15.45 13.74 28.39
N HIS A 138 -14.15 13.67 28.14
CA HIS A 138 -13.52 14.50 27.12
C HIS A 138 -13.73 13.71 25.83
N TYR A 139 -13.43 14.32 24.69
CA TYR A 139 -13.59 13.66 23.41
C TYR A 139 -12.45 14.01 22.45
N MET A 140 -11.78 12.97 21.96
CA MET A 140 -10.67 13.15 21.03
C MET A 140 -9.64 14.14 21.57
N GLY A 141 -9.58 14.22 22.90
CA GLY A 141 -8.65 15.12 23.55
C GLY A 141 -8.91 16.59 23.32
N THR A 142 -10.06 16.93 22.73
CA THR A 142 -10.37 18.32 22.44
C THR A 142 -11.65 18.90 23.04
N SER A 143 -12.76 18.19 22.92
CA SER A 143 -14.04 18.66 23.46
C SER A 143 -14.26 20.15 23.17
N THR A 144 -14.36 20.49 21.89
CA THR A 144 -14.53 21.89 21.50
C THR A 144 -15.95 22.43 21.63
N PHE A 145 -16.92 21.56 21.88
CA PHE A 145 -18.31 22.01 22.02
C PHE A 145 -18.55 22.54 23.44
N SER A 146 -17.73 23.51 23.84
CA SER A 146 -17.83 24.12 25.16
C SER A 146 -17.17 25.49 25.11
N GLU A 147 -17.67 26.43 25.90
CA GLU A 147 -17.08 27.77 25.92
C GLU A 147 -15.64 27.68 26.37
N TYR A 148 -15.34 26.67 27.18
CA TYR A 148 -14.00 26.46 27.68
C TYR A 148 -13.70 24.96 27.73
N THR A 149 -12.48 24.59 27.35
CA THR A 149 -12.09 23.19 27.38
C THR A 149 -10.68 23.13 27.94
N VAL A 150 -10.28 21.93 28.35
CA VAL A 150 -8.95 21.72 28.88
C VAL A 150 -8.33 20.59 28.06
N VAL A 151 -7.10 20.77 27.63
CA VAL A 151 -6.43 19.76 26.81
C VAL A 151 -5.00 19.56 27.32
N ALA A 152 -4.37 18.48 26.87
CA ALA A 152 -2.98 18.20 27.25
C ALA A 152 -2.16 19.27 26.57
N ASP A 153 -1.07 19.71 27.21
CA ASP A 153 -0.25 20.75 26.62
C ASP A 153 0.42 20.34 25.31
N ILE A 154 0.36 19.05 24.97
CA ILE A 154 0.94 18.58 23.72
C ILE A 154 -0.13 18.49 22.62
N SER A 155 -1.36 18.86 22.98
CA SER A 155 -2.49 18.85 22.04
C SER A 155 -2.82 20.28 21.63
N VAL A 156 -1.80 21.13 21.57
CA VAL A 156 -2.02 22.52 21.23
C VAL A 156 -1.13 23.08 20.13
N ALA A 157 -1.75 23.73 19.16
CA ALA A 157 -1.02 24.36 18.08
C ALA A 157 -1.18 25.86 18.30
N LYS A 158 -0.06 26.58 18.43
CA LYS A 158 -0.09 28.03 18.62
C LYS A 158 -0.04 28.63 17.23
N ILE A 159 -1.05 29.40 16.87
CA ILE A 159 -1.12 29.98 15.53
C ILE A 159 -1.07 31.50 15.40
N ASP A 160 -1.04 31.96 14.14
CA ASP A 160 -0.99 33.38 13.81
C ASP A 160 -2.10 34.14 14.54
N PRO A 161 -1.72 35.14 15.35
CA PRO A 161 -2.68 35.95 16.13
C PRO A 161 -3.71 36.69 15.27
N LEU A 162 -3.38 36.88 13.99
CA LEU A 162 -4.28 37.58 13.07
C LEU A 162 -5.29 36.68 12.37
N ALA A 163 -5.18 35.38 12.59
CA ALA A 163 -6.08 34.41 11.95
C ALA A 163 -7.54 34.49 12.39
N PRO A 164 -8.47 34.44 11.42
CA PRO A 164 -9.89 34.50 11.74
C PRO A 164 -10.31 33.15 12.30
N LEU A 165 -10.53 33.09 13.61
CA LEU A 165 -10.87 31.84 14.27
C LEU A 165 -12.16 31.20 13.77
N ASP A 166 -13.09 32.01 13.28
CA ASP A 166 -14.35 31.49 12.76
C ASP A 166 -14.11 30.82 11.40
N LYS A 167 -12.85 30.79 10.99
CA LYS A 167 -12.45 30.16 9.74
C LYS A 167 -11.46 29.01 10.00
N VAL A 168 -10.31 29.33 10.59
CA VAL A 168 -9.28 28.32 10.82
C VAL A 168 -9.66 27.15 11.73
N CYS A 169 -10.79 27.25 12.42
CA CYS A 169 -11.21 26.14 13.28
C CYS A 169 -11.37 24.89 12.41
N LEU A 170 -11.67 25.10 11.12
CA LEU A 170 -11.85 23.98 10.19
C LEU A 170 -10.54 23.24 9.93
N LEU A 171 -9.41 23.90 10.19
CA LEU A 171 -8.12 23.27 9.99
C LEU A 171 -7.89 22.24 11.11
N GLY A 172 -8.85 22.18 12.03
CA GLY A 172 -8.76 21.25 13.14
C GLY A 172 -8.91 19.80 12.71
N CYS A 173 -9.52 19.57 11.55
CA CYS A 173 -9.69 18.21 11.05
C CYS A 173 -9.92 18.07 9.54
N GLY A 174 -11.18 18.23 9.13
CA GLY A 174 -11.55 18.09 7.74
C GLY A 174 -10.58 18.55 6.65
N ILE A 175 -10.38 19.86 6.56
CA ILE A 175 -9.51 20.43 5.54
C ILE A 175 -8.10 19.87 5.61
N SER A 176 -7.50 19.94 6.79
CA SER A 176 -6.14 19.44 6.97
C SER A 176 -5.99 17.98 6.59
N THR A 177 -6.99 17.17 6.90
CA THR A 177 -6.95 15.74 6.59
C THR A 177 -6.95 15.48 5.08
N GLY A 178 -7.87 16.10 4.37
CA GLY A 178 -7.94 15.91 2.93
C GLY A 178 -6.73 16.48 2.21
N TYR A 179 -6.34 17.68 2.61
CA TYR A 179 -5.20 18.35 2.02
C TYR A 179 -3.93 17.54 2.22
N GLY A 180 -3.70 17.12 3.46
CA GLY A 180 -2.51 16.33 3.77
C GLY A 180 -2.51 14.98 3.08
N ALA A 181 -3.69 14.39 2.90
CA ALA A 181 -3.79 13.10 2.23
C ALA A 181 -3.16 13.19 0.85
N ALA A 182 -3.35 14.32 0.20
CA ALA A 182 -2.82 14.54 -1.13
C ALA A 182 -1.34 14.88 -1.16
N VAL A 183 -0.92 15.88 -0.39
CA VAL A 183 0.47 16.31 -0.40
C VAL A 183 1.44 15.59 0.54
N ASN A 184 0.93 14.88 1.55
CA ASN A 184 1.79 14.16 2.49
C ASN A 184 1.78 12.65 2.31
N THR A 185 0.59 12.07 2.24
CA THR A 185 0.46 10.63 2.08
C THR A 185 0.68 10.20 0.64
N ALA A 186 -0.06 10.79 -0.29
CA ALA A 186 0.10 10.43 -1.68
C ALA A 186 1.35 11.07 -2.28
N LYS A 187 1.61 12.32 -1.91
CA LYS A 187 2.75 13.08 -2.44
C LYS A 187 2.65 12.98 -3.96
N LEU A 188 1.46 13.24 -4.49
CA LEU A 188 1.25 13.17 -5.92
C LEU A 188 2.10 14.18 -6.68
N GLU A 189 2.57 13.77 -7.85
CA GLU A 189 3.43 14.59 -8.69
C GLU A 189 2.62 15.42 -9.69
N PRO A 190 3.20 16.53 -10.18
CA PRO A 190 2.50 17.38 -11.14
C PRO A 190 2.07 16.54 -12.35
N GLY A 191 0.85 16.77 -12.83
CA GLY A 191 0.35 16.03 -13.98
C GLY A 191 -0.38 14.75 -13.63
N SER A 192 -0.38 14.40 -12.34
CA SER A 192 -1.05 13.17 -11.90
C SER A 192 -2.54 13.15 -12.19
N VAL A 193 -3.04 11.96 -12.50
CA VAL A 193 -4.47 11.75 -12.75
C VAL A 193 -5.03 11.25 -11.43
N CYS A 194 -6.05 11.93 -10.91
CA CYS A 194 -6.63 11.58 -9.62
C CYS A 194 -8.13 11.33 -9.63
N ALA A 195 -8.59 10.55 -8.66
CA ALA A 195 -10.01 10.26 -8.47
C ALA A 195 -10.28 10.42 -6.98
N VAL A 196 -11.35 11.15 -6.65
CA VAL A 196 -11.72 11.39 -5.26
C VAL A 196 -13.14 10.89 -5.00
N PHE A 197 -13.27 9.89 -4.12
CA PHE A 197 -14.57 9.32 -3.78
C PHE A 197 -15.13 9.97 -2.51
N GLY A 198 -16.24 10.67 -2.65
CA GLY A 198 -16.84 11.33 -1.50
C GLY A 198 -16.49 12.80 -1.60
N LEU A 199 -17.47 13.64 -1.90
CA LEU A 199 -17.22 15.06 -2.09
C LEU A 199 -17.67 15.98 -0.95
N GLY A 200 -17.40 15.55 0.28
CA GLY A 200 -17.75 16.35 1.44
C GLY A 200 -16.55 17.24 1.74
N GLY A 201 -16.46 17.74 2.97
CA GLY A 201 -15.34 18.60 3.34
C GLY A 201 -13.98 17.96 3.09
N VAL A 202 -13.81 16.71 3.52
CA VAL A 202 -12.54 16.01 3.32
C VAL A 202 -12.25 15.86 1.83
N GLY A 203 -13.25 15.39 1.09
CA GLY A 203 -13.08 15.21 -0.34
C GLY A 203 -12.68 16.49 -1.06
N LEU A 204 -13.35 17.59 -0.74
CA LEU A 204 -13.02 18.87 -1.37
C LEU A 204 -11.60 19.27 -1.01
N ALA A 205 -11.20 18.97 0.22
CA ALA A 205 -9.84 19.32 0.67
C ALA A 205 -8.84 18.46 -0.09
N VAL A 206 -9.22 17.24 -0.45
CA VAL A 206 -8.33 16.37 -1.21
C VAL A 206 -8.19 16.97 -2.62
N ILE A 207 -9.32 17.38 -3.18
CA ILE A 207 -9.33 17.99 -4.52
C ILE A 207 -8.43 19.21 -4.50
N MET A 208 -8.56 20.03 -3.46
CA MET A 208 -7.75 21.23 -3.31
C MET A 208 -6.27 20.86 -3.31
N GLY A 209 -5.93 19.82 -2.54
CA GLY A 209 -4.55 19.38 -2.48
C GLY A 209 -4.03 18.90 -3.83
N CYS A 210 -4.88 18.18 -4.56
CA CYS A 210 -4.48 17.67 -5.87
C CYS A 210 -4.18 18.84 -6.81
N LYS A 211 -4.98 19.89 -6.70
CA LYS A 211 -4.79 21.06 -7.56
C LYS A 211 -3.49 21.77 -7.18
N VAL A 212 -3.24 21.90 -5.88
CA VAL A 212 -2.01 22.55 -5.41
C VAL A 212 -0.79 21.76 -5.89
N ALA A 213 -0.92 20.44 -5.95
CA ALA A 213 0.18 19.59 -6.38
C ALA A 213 0.36 19.57 -7.89
N GLY A 214 -0.54 20.22 -8.61
CA GLY A 214 -0.43 20.27 -10.06
C GLY A 214 -1.05 19.10 -10.81
N ALA A 215 -2.05 18.46 -10.21
CA ALA A 215 -2.71 17.33 -10.86
C ALA A 215 -3.29 17.79 -12.19
N SER A 216 -3.26 16.91 -13.19
CA SER A 216 -3.79 17.25 -14.50
C SER A 216 -5.28 16.98 -14.56
N ARG A 217 -5.66 15.81 -14.09
CA ARG A 217 -7.06 15.40 -14.10
C ARG A 217 -7.50 15.02 -12.69
N ILE A 218 -8.64 15.56 -12.26
CA ILE A 218 -9.18 15.30 -10.94
C ILE A 218 -10.65 14.95 -11.07
N ILE A 219 -10.95 13.66 -10.98
CA ILE A 219 -12.31 13.16 -11.12
C ILE A 219 -13.01 12.94 -9.79
N GLY A 220 -14.05 13.74 -9.55
CA GLY A 220 -14.81 13.60 -8.31
C GLY A 220 -15.87 12.54 -8.51
N VAL A 221 -16.01 11.65 -7.52
CA VAL A 221 -16.99 10.56 -7.61
C VAL A 221 -17.91 10.58 -6.39
N ASP A 222 -19.21 10.74 -6.65
CA ASP A 222 -20.18 10.77 -5.57
C ASP A 222 -21.56 10.44 -6.14
N ILE A 223 -22.40 9.77 -5.34
CA ILE A 223 -23.73 9.41 -5.78
C ILE A 223 -24.70 10.59 -5.66
N ASN A 224 -24.25 11.64 -4.98
CA ASN A 224 -25.08 12.83 -4.79
C ASN A 224 -24.56 13.93 -5.71
N LYS A 225 -25.21 14.08 -6.87
CA LYS A 225 -24.81 15.08 -7.85
C LYS A 225 -24.86 16.52 -7.34
N ASP A 226 -25.50 16.75 -6.20
CA ASP A 226 -25.57 18.10 -5.65
C ASP A 226 -24.22 18.58 -5.14
N LYS A 227 -23.28 17.65 -5.00
CA LYS A 227 -21.94 17.97 -4.52
C LYS A 227 -20.96 18.33 -5.64
N PHE A 228 -21.37 18.09 -6.89
CA PHE A 228 -20.49 18.35 -8.04
C PHE A 228 -20.09 19.80 -8.29
N ALA A 229 -21.04 20.71 -8.23
CA ALA A 229 -20.75 22.12 -8.48
C ALA A 229 -19.58 22.63 -7.65
N ARG A 230 -19.65 22.44 -6.33
CA ARG A 230 -18.58 22.90 -5.47
C ARG A 230 -17.30 22.11 -5.72
N ALA A 231 -17.44 20.84 -6.07
CA ALA A 231 -16.27 20.00 -6.34
C ALA A 231 -15.48 20.63 -7.49
N LYS A 232 -16.19 21.09 -8.51
CA LYS A 232 -15.54 21.72 -9.67
C LYS A 232 -14.91 23.05 -9.26
N GLU A 233 -15.59 23.79 -8.38
CA GLU A 233 -15.06 25.06 -7.91
C GLU A 233 -13.71 24.85 -7.25
N PHE A 234 -13.56 23.72 -6.57
CA PHE A 234 -12.31 23.40 -5.88
C PHE A 234 -11.24 22.83 -6.79
N GLY A 235 -11.59 22.53 -8.04
CA GLY A 235 -10.60 22.00 -8.96
C GLY A 235 -10.91 20.69 -9.67
N ALA A 236 -12.04 20.07 -9.37
CA ALA A 236 -12.38 18.81 -10.04
C ALA A 236 -12.54 19.09 -11.54
N THR A 237 -11.88 18.30 -12.37
CA THR A 237 -11.97 18.49 -13.81
C THR A 237 -13.28 17.91 -14.34
N GLU A 238 -13.88 17.03 -13.55
CA GLU A 238 -15.17 16.44 -13.89
C GLU A 238 -15.64 15.56 -12.75
N CYS A 239 -16.95 15.32 -12.71
CA CYS A 239 -17.55 14.48 -11.67
C CYS A 239 -18.44 13.45 -12.30
N ILE A 240 -18.49 12.27 -11.68
CA ILE A 240 -19.31 11.20 -12.17
C ILE A 240 -20.10 10.57 -11.03
N ASN A 241 -21.34 10.19 -11.33
CA ASN A 241 -22.23 9.56 -10.36
C ASN A 241 -22.27 8.06 -10.68
N PRO A 242 -21.76 7.22 -9.76
CA PRO A 242 -21.75 5.77 -9.98
C PRO A 242 -23.10 5.21 -10.42
N GLN A 243 -24.18 5.84 -9.98
CA GLN A 243 -25.52 5.39 -10.33
C GLN A 243 -25.87 5.59 -11.80
N ASP A 244 -25.11 6.43 -12.49
CA ASP A 244 -25.36 6.68 -13.91
C ASP A 244 -24.73 5.61 -14.81
N PHE A 245 -24.08 4.62 -14.22
CA PHE A 245 -23.44 3.57 -15.00
C PHE A 245 -23.85 2.19 -14.48
N SER A 246 -23.85 1.20 -15.37
CA SER A 246 -24.19 -0.15 -14.99
C SER A 246 -22.94 -0.87 -14.48
N LYS A 247 -21.81 -0.61 -15.12
CA LYS A 247 -20.54 -1.21 -14.75
C LYS A 247 -20.06 -0.71 -13.38
N PRO A 248 -19.25 -1.51 -12.68
CA PRO A 248 -18.75 -1.09 -11.37
C PRO A 248 -17.93 0.19 -11.60
N ILE A 249 -17.98 1.12 -10.67
CA ILE A 249 -17.28 2.39 -10.81
C ILE A 249 -15.79 2.27 -11.18
N GLN A 250 -15.11 1.24 -10.69
CA GLN A 250 -13.69 1.10 -11.04
C GLN A 250 -13.50 0.84 -12.53
N GLU A 251 -14.42 0.09 -13.13
CA GLU A 251 -14.34 -0.20 -14.56
C GLU A 251 -14.60 1.07 -15.36
N VAL A 252 -15.50 1.91 -14.86
CA VAL A 252 -15.82 3.17 -15.53
C VAL A 252 -14.56 4.06 -15.50
N LEU A 253 -13.93 4.16 -14.34
CA LEU A 253 -12.73 4.99 -14.22
C LEU A 253 -11.56 4.46 -15.03
N ILE A 254 -11.39 3.15 -15.07
CA ILE A 254 -10.31 2.56 -15.85
C ILE A 254 -10.49 2.91 -17.33
N GLU A 255 -11.74 2.82 -17.79
CA GLU A 255 -12.06 3.12 -19.18
C GLU A 255 -11.84 4.60 -19.51
N MET A 256 -12.18 5.48 -18.57
CA MET A 256 -12.03 6.93 -18.75
C MET A 256 -10.59 7.40 -18.79
N THR A 257 -9.73 6.68 -18.07
CA THR A 257 -8.33 7.06 -17.96
C THR A 257 -7.37 6.12 -18.67
N ASP A 258 -7.89 5.27 -19.53
CA ASP A 258 -7.06 4.33 -20.28
C ASP A 258 -6.14 3.51 -19.39
N GLY A 259 -6.71 2.84 -18.39
CA GLY A 259 -5.91 2.02 -17.50
C GLY A 259 -6.16 2.21 -16.02
N GLY A 260 -6.62 3.40 -15.64
CA GLY A 260 -6.88 3.69 -14.24
C GLY A 260 -6.18 4.96 -13.79
N VAL A 261 -6.53 5.46 -12.62
CA VAL A 261 -5.94 6.68 -12.09
C VAL A 261 -4.57 6.48 -11.42
N ASP A 262 -3.79 7.55 -11.29
CA ASP A 262 -2.50 7.46 -10.64
C ASP A 262 -2.71 7.44 -9.13
N TYR A 263 -3.71 8.21 -8.68
CA TYR A 263 -4.03 8.26 -7.26
C TYR A 263 -5.53 8.36 -7.00
N SER A 264 -6.01 7.55 -6.06
CA SER A 264 -7.42 7.60 -5.69
C SER A 264 -7.49 7.85 -4.18
N PHE A 265 -8.56 8.49 -3.74
CA PHE A 265 -8.75 8.79 -2.32
C PHE A 265 -10.17 8.45 -1.90
N GLU A 266 -10.30 7.59 -0.90
CA GLU A 266 -11.64 7.25 -0.40
C GLU A 266 -11.91 8.13 0.81
N CYS A 267 -12.92 8.97 0.69
CA CYS A 267 -13.27 9.91 1.75
C CYS A 267 -14.71 9.70 2.22
N ILE A 268 -15.11 8.44 2.35
CA ILE A 268 -16.47 8.11 2.77
C ILE A 268 -16.50 7.16 3.96
N GLY A 269 -15.60 6.17 3.95
CA GLY A 269 -15.56 5.20 5.02
C GLY A 269 -16.35 3.96 4.68
N ASN A 270 -16.51 3.70 3.38
CA ASN A 270 -17.25 2.54 2.90
C ASN A 270 -16.25 1.54 2.31
N VAL A 271 -16.10 0.39 2.96
CA VAL A 271 -15.15 -0.62 2.51
C VAL A 271 -15.34 -1.08 1.08
N LYS A 272 -16.58 -1.08 0.60
CA LYS A 272 -16.84 -1.49 -0.78
C LYS A 272 -16.26 -0.44 -1.72
N VAL A 273 -16.42 0.83 -1.36
CA VAL A 273 -15.90 1.91 -2.17
C VAL A 273 -14.37 1.97 -2.07
N MET A 274 -13.84 1.56 -0.92
CA MET A 274 -12.39 1.55 -0.73
C MET A 274 -11.79 0.54 -1.70
N ARG A 275 -12.49 -0.57 -1.90
CA ARG A 275 -12.01 -1.60 -2.81
C ARG A 275 -12.05 -1.07 -4.24
N ALA A 276 -13.14 -0.39 -4.58
CA ALA A 276 -13.29 0.18 -5.92
C ALA A 276 -12.21 1.23 -6.17
N ALA A 277 -11.94 2.05 -5.15
CA ALA A 277 -10.92 3.08 -5.29
C ALA A 277 -9.56 2.46 -5.61
N LEU A 278 -9.23 1.36 -4.94
CA LEU A 278 -7.96 0.69 -5.19
C LEU A 278 -7.91 0.10 -6.61
N GLU A 279 -8.96 -0.62 -6.97
CA GLU A 279 -9.01 -1.26 -8.29
C GLU A 279 -9.16 -0.28 -9.44
N ALA A 280 -9.52 0.96 -9.11
CA ALA A 280 -9.67 2.01 -10.13
C ALA A 280 -8.30 2.58 -10.48
N CYS A 281 -7.29 2.22 -9.69
CA CYS A 281 -5.93 2.69 -9.90
C CYS A 281 -5.24 1.99 -11.06
N HIS A 282 -4.37 2.72 -11.73
CA HIS A 282 -3.63 2.21 -12.88
C HIS A 282 -2.65 1.11 -12.49
N LYS A 283 -2.50 0.14 -13.37
CA LYS A 283 -1.59 -0.98 -13.18
C LYS A 283 -0.18 -0.41 -13.08
N GLY A 284 0.71 -1.14 -12.40
CA GLY A 284 2.09 -0.71 -12.28
C GLY A 284 2.48 0.37 -11.31
N TRP A 285 1.67 1.42 -11.16
CA TRP A 285 2.03 2.51 -10.25
C TRP A 285 0.88 3.18 -9.50
N GLY A 286 -0.35 2.71 -9.69
CA GLY A 286 -1.49 3.31 -9.02
C GLY A 286 -1.41 3.23 -7.50
N VAL A 287 -1.88 4.28 -6.83
CA VAL A 287 -1.87 4.35 -5.36
C VAL A 287 -3.23 4.80 -4.83
N SER A 288 -3.78 4.07 -3.87
CA SER A 288 -5.07 4.46 -3.31
C SER A 288 -4.90 4.78 -1.83
N VAL A 289 -5.41 5.93 -1.41
CA VAL A 289 -5.31 6.35 -0.01
C VAL A 289 -6.67 6.32 0.69
N VAL A 290 -6.76 5.56 1.77
CA VAL A 290 -8.00 5.49 2.54
C VAL A 290 -7.96 6.64 3.51
N VAL A 291 -8.94 7.54 3.39
CA VAL A 291 -9.01 8.70 4.27
C VAL A 291 -10.19 8.56 5.21
N GLY A 292 -11.23 7.87 4.76
CA GLY A 292 -12.41 7.67 5.59
C GLY A 292 -12.29 6.54 6.58
N VAL A 293 -13.02 6.64 7.69
CA VAL A 293 -12.98 5.62 8.73
C VAL A 293 -14.19 4.71 8.63
N ALA A 294 -13.94 3.43 8.34
CA ALA A 294 -15.03 2.45 8.21
C ALA A 294 -15.62 2.04 9.56
N ALA A 295 -16.81 1.44 9.52
CA ALA A 295 -17.48 0.98 10.73
C ALA A 295 -16.72 -0.21 11.29
N SER A 296 -16.89 -0.44 12.60
CA SER A 296 -16.22 -1.54 13.28
C SER A 296 -16.45 -2.90 12.63
N GLY A 297 -15.43 -3.74 12.69
CA GLY A 297 -15.51 -5.09 12.13
C GLY A 297 -15.49 -5.20 10.63
N GLU A 298 -15.83 -4.13 9.93
CA GLU A 298 -15.83 -4.18 8.47
C GLU A 298 -14.41 -4.22 7.95
N GLU A 299 -14.19 -4.98 6.89
CA GLU A 299 -12.86 -5.07 6.34
C GLU A 299 -12.84 -4.82 4.83
N ILE A 300 -11.68 -4.40 4.34
CA ILE A 300 -11.49 -4.15 2.92
C ILE A 300 -10.93 -5.43 2.33
N ALA A 301 -11.14 -5.64 1.04
CA ALA A 301 -10.63 -6.83 0.39
C ALA A 301 -10.39 -6.59 -1.10
N THR A 302 -9.55 -7.43 -1.68
CA THR A 302 -9.24 -7.35 -3.10
C THR A 302 -8.39 -8.57 -3.40
N ARG A 303 -8.11 -8.82 -4.68
CA ARG A 303 -7.27 -9.95 -5.04
C ARG A 303 -5.83 -9.44 -4.97
N PRO A 304 -4.94 -10.21 -4.33
CA PRO A 304 -3.54 -9.80 -4.22
C PRO A 304 -2.91 -9.44 -5.56
N PHE A 305 -3.52 -9.93 -6.63
CA PHE A 305 -3.06 -9.66 -7.99
C PHE A 305 -2.95 -8.14 -8.21
N GLN A 306 -3.87 -7.39 -7.62
CA GLN A 306 -3.88 -5.92 -7.74
C GLN A 306 -2.60 -5.27 -7.23
N LEU A 307 -2.05 -5.85 -6.16
CA LEU A 307 -0.83 -5.34 -5.56
C LEU A 307 0.40 -5.86 -6.31
N VAL A 308 0.37 -7.14 -6.66
CA VAL A 308 1.48 -7.75 -7.38
C VAL A 308 1.71 -7.05 -8.71
N THR A 309 0.63 -6.62 -9.36
CA THR A 309 0.79 -5.93 -10.64
C THR A 309 0.99 -4.41 -10.49
N GLY A 310 1.50 -3.99 -9.34
CA GLY A 310 1.82 -2.58 -9.16
C GLY A 310 1.04 -1.57 -8.32
N ARG A 311 -0.16 -1.91 -7.86
CA ARG A 311 -0.93 -0.95 -7.08
C ARG A 311 -0.55 -0.97 -5.60
N THR A 312 -0.72 0.17 -4.94
CA THR A 312 -0.38 0.32 -3.53
C THR A 312 -1.57 0.82 -2.72
N TRP A 313 -1.78 0.20 -1.55
CA TRP A 313 -2.88 0.59 -0.68
C TRP A 313 -2.31 1.30 0.54
N LYS A 314 -2.74 2.55 0.74
CA LYS A 314 -2.28 3.37 1.86
C LYS A 314 -3.46 3.95 2.63
N GLY A 315 -3.15 4.66 3.72
CA GLY A 315 -4.17 5.28 4.53
C GLY A 315 -3.57 6.50 5.19
N THR A 316 -4.39 7.34 5.81
CA THR A 316 -3.86 8.53 6.46
C THR A 316 -4.73 8.95 7.64
N ALA A 317 -4.12 9.62 8.60
CA ALA A 317 -4.82 10.11 9.79
C ALA A 317 -4.43 11.57 9.92
N PHE A 318 -5.43 12.45 9.93
CA PHE A 318 -5.18 13.88 10.01
C PHE A 318 -4.19 14.30 8.93
N GLY A 319 -4.31 13.68 7.76
CA GLY A 319 -3.46 14.01 6.64
C GLY A 319 -1.97 13.83 6.83
N GLY A 320 -1.58 13.03 7.82
CA GLY A 320 -0.17 12.78 8.07
C GLY A 320 0.62 13.97 8.61
N TRP A 321 -0.06 15.02 9.03
CA TRP A 321 0.61 16.21 9.56
C TRP A 321 1.09 16.09 11.00
N LYS A 322 2.38 16.37 11.23
CA LYS A 322 2.90 16.40 12.59
C LYS A 322 2.11 17.61 13.08
N SER A 323 1.12 17.38 13.91
CA SER A 323 0.20 18.42 14.38
C SER A 323 0.69 19.75 14.93
N VAL A 324 1.50 19.71 15.98
CA VAL A 324 1.97 20.94 16.60
C VAL A 324 2.83 21.82 15.69
N GLU A 325 3.65 21.20 14.84
CA GLU A 325 4.50 21.98 13.96
C GLU A 325 3.83 22.32 12.63
N SER A 326 2.88 21.48 12.20
CA SER A 326 2.20 21.69 10.92
C SER A 326 0.99 22.64 10.91
N VAL A 327 0.09 22.50 11.87
CA VAL A 327 -1.09 23.35 11.90
C VAL A 327 -0.75 24.84 11.79
N PRO A 328 0.29 25.31 12.49
CA PRO A 328 0.62 26.73 12.37
C PRO A 328 0.96 27.09 10.92
N LYS A 329 1.69 26.19 10.26
CA LYS A 329 2.08 26.40 8.87
C LYS A 329 0.87 26.37 7.95
N LEU A 330 -0.10 25.52 8.26
CA LEU A 330 -1.31 25.44 7.45
C LEU A 330 -2.09 26.74 7.61
N VAL A 331 -2.12 27.28 8.81
CA VAL A 331 -2.83 28.54 9.04
C VAL A 331 -2.16 29.62 8.19
N SER A 332 -0.83 29.58 8.14
CA SER A 332 -0.07 30.56 7.36
C SER A 332 -0.31 30.40 5.86
N GLU A 333 -0.50 29.17 5.39
CA GLU A 333 -0.77 28.97 3.96
C GLU A 333 -2.13 29.55 3.64
N TYR A 334 -3.07 29.44 4.58
CA TYR A 334 -4.40 30.00 4.39
C TYR A 334 -4.29 31.53 4.37
N MET A 335 -3.55 32.08 5.32
CA MET A 335 -3.35 33.52 5.42
C MET A 335 -2.67 34.11 4.19
N SER A 336 -1.77 33.32 3.59
CA SER A 336 -1.04 33.76 2.40
C SER A 336 -1.75 33.36 1.12
N LYS A 337 -2.97 32.84 1.26
CA LYS A 337 -3.79 32.42 0.14
C LYS A 337 -3.29 31.22 -0.68
N LYS A 338 -2.51 30.35 -0.07
CA LYS A 338 -2.03 29.18 -0.79
C LYS A 338 -3.12 28.11 -0.82
N ILE A 339 -3.93 28.06 0.24
CA ILE A 339 -5.03 27.12 0.34
C ILE A 339 -6.29 27.85 0.77
N LYS A 340 -7.44 27.22 0.52
CA LYS A 340 -8.73 27.78 0.88
C LYS A 340 -9.25 27.23 2.20
N VAL A 341 -10.08 28.02 2.87
CA VAL A 341 -10.72 27.62 4.12
C VAL A 341 -12.12 28.20 4.10
N ASP A 342 -12.21 29.48 3.76
CA ASP A 342 -13.50 30.18 3.70
C ASP A 342 -14.51 29.45 2.82
N GLU A 343 -14.07 28.95 1.67
CA GLU A 343 -14.94 28.24 0.75
C GLU A 343 -15.58 26.98 1.32
N PHE A 344 -15.09 26.52 2.46
CA PHE A 344 -15.65 25.31 3.09
C PHE A 344 -16.86 25.64 3.96
N VAL A 345 -16.94 26.88 4.42
CA VAL A 345 -18.03 27.31 5.28
C VAL A 345 -19.31 27.54 4.48
N THR A 346 -20.31 26.68 4.70
CA THR A 346 -21.58 26.81 3.98
C THR A 346 -22.70 27.33 4.88
N HIS A 347 -22.48 27.33 6.18
CA HIS A 347 -23.48 27.82 7.12
C HIS A 347 -22.83 28.34 8.41
N ASN A 348 -23.55 29.23 9.10
CA ASN A 348 -23.10 29.82 10.36
C ASN A 348 -24.26 29.80 11.35
N LEU A 349 -23.98 29.38 12.58
CA LEU A 349 -25.00 29.29 13.62
C LEU A 349 -24.48 29.71 14.98
N SER A 350 -25.40 29.90 15.93
CA SER A 350 -25.04 30.27 17.29
C SER A 350 -24.87 28.97 18.05
N PHE A 351 -24.19 29.04 19.19
CA PHE A 351 -23.94 27.85 20.01
C PHE A 351 -25.22 27.10 20.38
N ASP A 352 -26.26 27.82 20.79
CA ASP A 352 -27.51 27.16 21.16
C ASP A 352 -28.14 26.38 20.01
N GLU A 353 -27.81 26.75 18.77
CA GLU A 353 -28.35 26.08 17.60
C GLU A 353 -27.43 24.97 17.08
N ILE A 354 -26.46 24.57 17.90
CA ILE A 354 -25.50 23.55 17.46
C ILE A 354 -26.15 22.30 16.86
N ASN A 355 -27.28 21.88 17.41
CA ASN A 355 -27.95 20.68 16.87
C ASN A 355 -28.32 20.80 15.40
N LYS A 356 -28.57 22.03 14.93
CA LYS A 356 -28.92 22.21 13.53
C LYS A 356 -27.71 21.90 12.65
N ALA A 357 -26.51 22.15 13.17
CA ALA A 357 -25.29 21.87 12.41
C ALA A 357 -25.27 20.37 12.10
N PHE A 358 -25.74 19.57 13.04
CA PHE A 358 -25.80 18.12 12.86
C PHE A 358 -26.89 17.75 11.85
N GLU A 359 -28.02 18.43 11.95
CA GLU A 359 -29.13 18.18 11.03
C GLU A 359 -28.70 18.49 9.61
N LEU A 360 -27.95 19.58 9.44
CA LEU A 360 -27.47 19.98 8.12
C LEU A 360 -26.46 18.98 7.58
N MET A 361 -25.79 18.26 8.48
CA MET A 361 -24.81 17.27 8.06
C MET A 361 -25.44 16.19 7.21
N HIS A 362 -26.50 15.55 7.72
CA HIS A 362 -27.17 14.48 7.01
C HIS A 362 -27.76 14.86 5.68
N SER A 363 -26.99 15.60 4.88
CA SER A 363 -27.40 16.00 3.55
C SER A 363 -27.12 17.39 3.06
N GLY A 364 -26.92 17.43 1.76
CA GLY A 364 -26.71 18.71 1.17
C GLY A 364 -25.60 19.21 0.28
N LYS A 365 -25.70 20.52 0.19
CA LYS A 365 -24.85 21.41 -0.55
C LYS A 365 -24.27 22.13 0.65
N SER A 366 -24.15 21.36 1.73
CA SER A 366 -23.62 21.80 3.02
C SER A 366 -22.32 21.05 3.31
N ILE A 367 -21.25 21.79 3.59
CA ILE A 367 -19.95 21.19 3.86
C ILE A 367 -19.60 21.34 5.33
N ARG A 368 -19.42 22.58 5.78
CA ARG A 368 -19.11 22.83 7.18
C ARG A 368 -19.96 23.97 7.72
N THR A 369 -20.49 23.76 8.92
CA THR A 369 -21.30 24.76 9.59
C THR A 369 -20.46 25.26 10.77
N VAL A 370 -20.09 26.53 10.75
CA VAL A 370 -19.30 27.07 11.84
C VAL A 370 -20.19 27.59 12.95
N VAL A 371 -19.96 27.07 14.15
CA VAL A 371 -20.73 27.46 15.30
C VAL A 371 -20.00 28.52 16.10
N LYS A 372 -20.63 29.69 16.23
CA LYS A 372 -20.05 30.79 16.99
C LYS A 372 -20.38 30.58 18.45
N ILE A 373 -19.35 30.50 19.29
CA ILE A 373 -19.58 30.31 20.72
C ILE A 373 -20.08 31.64 21.31
N ALA B 1 20.49 -20.64 -44.44
CA ALA B 1 19.36 -20.00 -43.71
C ALA B 1 18.97 -20.83 -42.51
N ASN B 2 18.25 -20.22 -41.57
CA ASN B 2 17.82 -20.92 -40.37
C ASN B 2 16.75 -21.96 -40.70
N GLU B 3 17.07 -23.21 -40.40
CA GLU B 3 16.17 -24.33 -40.67
C GLU B 3 15.40 -24.74 -39.43
N VAL B 4 14.45 -25.66 -39.61
CA VAL B 4 13.67 -26.19 -38.50
C VAL B 4 14.62 -27.06 -37.70
N ILE B 5 14.53 -27.00 -36.37
CA ILE B 5 15.39 -27.82 -35.53
C ILE B 5 14.59 -28.95 -34.89
N LYS B 6 15.12 -30.16 -34.96
CA LYS B 6 14.47 -31.31 -34.34
C LYS B 6 15.26 -31.54 -33.06
N CYS B 7 14.59 -31.48 -31.92
CA CYS B 7 15.27 -31.65 -30.64
C CYS B 7 14.35 -32.23 -29.58
N LYS B 8 14.87 -32.33 -28.36
CA LYS B 8 14.10 -32.86 -27.25
C LYS B 8 13.54 -31.72 -26.41
N ALA B 9 12.39 -31.96 -25.80
CA ALA B 9 11.76 -30.97 -24.94
C ALA B 9 10.84 -31.70 -23.97
N ALA B 10 10.63 -31.10 -22.80
CA ALA B 10 9.76 -31.69 -21.79
C ALA B 10 8.38 -31.09 -22.02
N VAL B 11 7.53 -31.87 -22.67
CA VAL B 11 6.18 -31.43 -23.00
C VAL B 11 5.17 -31.75 -21.91
N ALA B 12 4.30 -30.80 -21.63
CA ALA B 12 3.24 -30.99 -20.64
C ALA B 12 1.99 -31.22 -21.49
N TRP B 13 1.69 -32.48 -21.75
CA TRP B 13 0.53 -32.81 -22.58
C TRP B 13 -0.78 -32.39 -21.94
N GLU B 14 -0.90 -32.57 -20.63
CA GLU B 14 -2.14 -32.22 -19.95
C GLU B 14 -1.92 -31.88 -18.48
N ALA B 15 -2.84 -31.10 -17.93
CA ALA B 15 -2.76 -30.71 -16.52
C ALA B 15 -2.81 -31.94 -15.63
N GLY B 16 -2.15 -31.86 -14.48
CA GLY B 16 -2.14 -32.95 -13.53
C GLY B 16 -1.25 -34.14 -13.85
N LYS B 17 -0.53 -34.08 -14.96
CA LYS B 17 0.36 -35.16 -15.36
C LYS B 17 1.81 -34.70 -15.38
N PRO B 18 2.76 -35.65 -15.27
CA PRO B 18 4.19 -35.32 -15.30
C PRO B 18 4.56 -34.87 -16.71
N LEU B 19 5.75 -34.32 -16.87
CA LEU B 19 6.20 -33.87 -18.17
C LEU B 19 6.73 -35.07 -18.95
N SER B 20 6.59 -35.04 -20.27
CA SER B 20 7.07 -36.12 -21.11
C SER B 20 8.19 -35.62 -22.01
N ILE B 21 9.32 -36.34 -22.01
CA ILE B 21 10.44 -35.97 -22.85
C ILE B 21 10.09 -36.43 -24.26
N GLU B 22 9.85 -35.48 -25.16
CA GLU B 22 9.47 -35.80 -26.53
C GLU B 22 10.40 -35.22 -27.59
N GLU B 23 10.28 -35.75 -28.80
CA GLU B 23 11.02 -35.27 -29.94
C GLU B 23 10.08 -34.18 -30.48
N ILE B 24 10.56 -32.95 -30.58
CA ILE B 24 9.73 -31.87 -31.09
C ILE B 24 10.44 -31.17 -32.25
N GLU B 25 9.74 -30.22 -32.87
CA GLU B 25 10.32 -29.45 -33.94
C GLU B 25 10.23 -27.98 -33.52
N VAL B 26 11.34 -27.26 -33.64
CA VAL B 26 11.36 -25.84 -33.28
C VAL B 26 11.60 -25.05 -34.56
N ALA B 27 10.59 -24.31 -35.00
CA ALA B 27 10.66 -23.50 -36.20
C ALA B 27 11.73 -22.40 -36.07
N PRO B 28 12.29 -21.95 -37.19
CA PRO B 28 13.31 -20.90 -37.13
C PRO B 28 12.67 -19.59 -36.67
N PRO B 29 13.47 -18.66 -36.14
CA PRO B 29 12.92 -17.39 -35.68
C PRO B 29 12.40 -16.51 -36.82
N LYS B 30 11.23 -15.91 -36.62
CA LYS B 30 10.67 -15.03 -37.62
C LYS B 30 11.18 -13.64 -37.29
N ALA B 31 10.63 -12.62 -37.94
CA ALA B 31 11.09 -11.26 -37.68
C ALA B 31 11.00 -10.91 -36.19
N HIS B 32 12.06 -10.30 -35.66
CA HIS B 32 12.12 -9.89 -34.27
C HIS B 32 11.93 -11.02 -33.26
N GLU B 33 12.48 -12.19 -33.59
CA GLU B 33 12.42 -13.34 -32.71
C GLU B 33 13.85 -13.86 -32.57
N VAL B 34 14.10 -14.58 -31.49
CA VAL B 34 15.42 -15.13 -31.24
C VAL B 34 15.30 -16.58 -30.83
N ARG B 35 16.07 -17.45 -31.49
CA ARG B 35 16.04 -18.86 -31.12
C ARG B 35 17.24 -19.07 -30.20
N ILE B 36 16.98 -19.65 -29.03
CA ILE B 36 18.00 -19.85 -28.01
C ILE B 36 18.24 -21.32 -27.67
N LYS B 37 19.51 -21.68 -27.53
CA LYS B 37 19.87 -23.03 -27.14
C LYS B 37 19.90 -22.97 -25.61
N ILE B 38 18.97 -23.67 -24.96
CA ILE B 38 18.93 -23.67 -23.49
C ILE B 38 20.01 -24.59 -22.96
N ILE B 39 20.81 -24.07 -22.04
CA ILE B 39 21.90 -24.84 -21.46
C ILE B 39 21.52 -25.38 -20.08
N ALA B 40 20.81 -24.58 -19.31
CA ALA B 40 20.39 -25.00 -17.98
C ALA B 40 19.07 -24.33 -17.62
N THR B 41 18.25 -25.03 -16.85
CA THR B 41 16.97 -24.48 -16.45
C THR B 41 16.62 -25.03 -15.06
N ALA B 42 15.66 -24.40 -14.40
CA ALA B 42 15.24 -24.82 -13.07
C ALA B 42 13.73 -24.71 -12.97
N VAL B 43 13.18 -25.27 -11.89
CA VAL B 43 11.74 -25.24 -11.70
C VAL B 43 11.34 -24.24 -10.63
N CYS B 44 10.34 -23.44 -10.95
CA CYS B 44 9.81 -22.45 -10.03
C CYS B 44 8.40 -22.90 -9.59
N HIS B 45 7.98 -22.50 -8.40
CA HIS B 45 6.65 -22.87 -7.91
C HIS B 45 5.59 -22.56 -8.95
N THR B 46 5.79 -21.49 -9.72
CA THR B 46 4.81 -21.13 -10.75
C THR B 46 4.68 -22.18 -11.85
N ASP B 47 5.78 -22.80 -12.27
CA ASP B 47 5.69 -23.83 -13.30
C ASP B 47 4.80 -24.96 -12.78
N ALA B 48 4.97 -25.31 -11.52
CA ALA B 48 4.19 -26.38 -10.89
C ALA B 48 2.72 -25.99 -10.79
N TYR B 49 2.46 -24.72 -10.48
CA TYR B 49 1.09 -24.23 -10.35
C TYR B 49 0.34 -24.43 -11.66
N THR B 50 0.98 -24.08 -12.77
CA THR B 50 0.34 -24.22 -14.07
C THR B 50 0.16 -25.69 -14.43
N LEU B 51 1.17 -26.51 -14.14
CA LEU B 51 1.10 -27.93 -14.45
C LEU B 51 -0.04 -28.63 -13.69
N SER B 52 -0.30 -28.17 -12.47
CA SER B 52 -1.33 -28.75 -11.61
C SER B 52 -2.72 -28.68 -12.24
N GLY B 53 -2.95 -27.64 -13.04
CA GLY B 53 -4.25 -27.48 -13.66
C GLY B 53 -5.10 -26.48 -12.88
N ALA B 54 -4.56 -26.00 -11.77
CA ALA B 54 -5.26 -25.05 -10.92
C ALA B 54 -5.26 -23.64 -11.51
N ASP B 55 -4.39 -23.40 -12.50
CA ASP B 55 -4.29 -22.09 -13.14
C ASP B 55 -5.36 -21.93 -14.20
N PRO B 56 -6.32 -21.01 -13.98
CA PRO B 56 -7.40 -20.75 -14.93
C PRO B 56 -6.87 -20.30 -16.30
N GLU B 57 -5.66 -19.76 -16.31
CA GLU B 57 -5.04 -19.28 -17.53
C GLU B 57 -4.19 -20.36 -18.21
N GLY B 58 -3.97 -21.47 -17.51
CA GLY B 58 -3.15 -22.54 -18.06
C GLY B 58 -3.77 -23.28 -19.23
N CYS B 59 -2.99 -23.43 -20.30
CA CYS B 59 -3.46 -24.14 -21.48
C CYS B 59 -2.44 -25.20 -21.91
N PHE B 60 -2.95 -26.31 -22.42
CA PHE B 60 -2.11 -27.42 -22.85
C PHE B 60 -2.48 -27.84 -24.27
N PRO B 61 -1.57 -28.53 -24.98
CA PRO B 61 -0.23 -28.93 -24.52
C PRO B 61 0.70 -27.71 -24.49
N VAL B 62 1.72 -27.77 -23.64
CA VAL B 62 2.63 -26.63 -23.50
C VAL B 62 4.03 -27.01 -23.01
N ILE B 63 5.02 -26.19 -23.34
CA ILE B 63 6.38 -26.39 -22.90
C ILE B 63 6.58 -25.30 -21.84
N LEU B 64 6.66 -25.72 -20.58
CA LEU B 64 6.81 -24.80 -19.47
C LEU B 64 8.26 -24.36 -19.25
N GLY B 65 8.50 -23.67 -18.14
CA GLY B 65 9.84 -23.22 -17.81
C GLY B 65 10.08 -21.75 -18.06
N HIS B 66 10.55 -21.04 -17.04
CA HIS B 66 10.84 -19.62 -17.19
C HIS B 66 12.12 -19.18 -16.49
N GLU B 67 12.83 -20.13 -15.89
CA GLU B 67 14.12 -19.85 -15.26
C GLU B 67 15.12 -20.62 -16.11
N GLY B 68 15.82 -19.92 -16.99
CA GLY B 68 16.79 -20.58 -17.84
C GLY B 68 17.90 -19.67 -18.32
N ALA B 69 18.92 -20.26 -18.92
CA ALA B 69 20.05 -19.51 -19.44
C ALA B 69 20.60 -20.32 -20.61
N GLY B 70 21.00 -19.61 -21.67
CA GLY B 70 21.52 -20.31 -22.83
C GLY B 70 22.36 -19.46 -23.75
N ILE B 71 22.41 -19.88 -25.01
CA ILE B 71 23.19 -19.19 -26.03
C ILE B 71 22.32 -18.97 -27.26
N VAL B 72 22.37 -17.77 -27.82
CA VAL B 72 21.59 -17.48 -29.01
C VAL B 72 22.07 -18.39 -30.14
N GLU B 73 21.13 -19.14 -30.72
CA GLU B 73 21.44 -20.05 -31.82
C GLU B 73 21.28 -19.30 -33.15
N SER B 74 20.27 -18.43 -33.22
CA SER B 74 20.03 -17.64 -34.44
C SER B 74 19.00 -16.56 -34.13
N VAL B 75 18.96 -15.54 -34.99
CA VAL B 75 18.00 -14.45 -34.81
C VAL B 75 17.20 -14.23 -36.08
N GLY B 76 16.01 -13.67 -35.94
CA GLY B 76 15.17 -13.39 -37.09
C GLY B 76 15.57 -12.07 -37.71
N GLU B 77 14.93 -11.71 -38.82
CA GLU B 77 15.26 -10.45 -39.48
C GLU B 77 14.87 -9.26 -38.61
N GLY B 78 15.62 -8.17 -38.74
CA GLY B 78 15.35 -6.98 -37.96
C GLY B 78 16.10 -6.98 -36.63
N VAL B 79 16.59 -8.15 -36.22
CA VAL B 79 17.32 -8.27 -34.97
C VAL B 79 18.80 -7.92 -35.17
N THR B 80 19.27 -6.88 -34.49
CA THR B 80 20.67 -6.46 -34.61
C THR B 80 21.40 -6.39 -33.28
N LYS B 81 20.67 -6.23 -32.18
CA LYS B 81 21.29 -6.15 -30.86
C LYS B 81 21.78 -7.52 -30.38
N LEU B 82 21.29 -8.57 -31.01
CA LEU B 82 21.66 -9.93 -30.64
C LEU B 82 22.15 -10.70 -31.85
N LYS B 83 22.99 -11.71 -31.60
CA LYS B 83 23.53 -12.52 -32.68
C LYS B 83 23.88 -13.90 -32.15
N ALA B 84 24.12 -14.84 -33.05
CA ALA B 84 24.48 -16.20 -32.67
C ALA B 84 25.72 -16.19 -31.76
N GLY B 85 25.65 -16.95 -30.67
CA GLY B 85 26.77 -16.99 -29.76
C GLY B 85 26.63 -16.16 -28.50
N ASP B 86 25.77 -15.14 -28.53
CA ASP B 86 25.57 -14.30 -27.34
C ASP B 86 25.04 -15.12 -26.18
N THR B 87 25.54 -14.83 -24.99
CA THR B 87 25.10 -15.51 -23.77
C THR B 87 23.88 -14.75 -23.28
N VAL B 88 22.77 -15.46 -23.06
CA VAL B 88 21.55 -14.80 -22.66
C VAL B 88 20.70 -15.49 -21.61
N ILE B 89 19.67 -14.77 -21.16
CA ILE B 89 18.71 -15.27 -20.18
C ILE B 89 17.33 -14.85 -20.70
N PRO B 90 16.44 -15.82 -20.93
CA PRO B 90 15.07 -15.55 -21.42
C PRO B 90 14.31 -14.79 -20.35
N LEU B 91 13.44 -13.87 -20.76
CA LEU B 91 12.69 -13.04 -19.82
C LEU B 91 11.18 -13.15 -19.97
N TYR B 92 10.48 -13.50 -18.89
CA TYR B 92 9.03 -13.59 -18.98
C TYR B 92 8.41 -12.20 -18.85
N ILE B 93 9.20 -11.26 -18.32
CA ILE B 93 8.77 -9.86 -18.24
C ILE B 93 9.68 -9.21 -19.28
N PRO B 94 9.14 -8.87 -20.47
CA PRO B 94 10.00 -8.25 -21.48
C PRO B 94 10.23 -6.76 -21.21
N GLN B 95 10.95 -6.12 -22.11
CA GLN B 95 11.21 -4.68 -22.00
C GLN B 95 11.36 -4.11 -23.39
N CYS B 96 10.24 -3.74 -24.01
CA CYS B 96 10.30 -3.19 -25.36
C CYS B 96 10.93 -1.80 -25.33
N GLY B 97 10.85 -1.15 -24.18
CA GLY B 97 11.41 0.18 -24.02
C GLY B 97 10.62 1.30 -24.70
N GLU B 98 9.45 0.99 -25.27
CA GLU B 98 8.66 2.00 -25.96
C GLU B 98 7.23 2.19 -25.46
N CYS B 99 6.69 1.20 -24.76
CA CYS B 99 5.32 1.33 -24.27
C CYS B 99 5.24 2.24 -23.06
N LYS B 100 4.03 2.65 -22.68
CA LYS B 100 3.90 3.56 -21.54
C LYS B 100 4.48 2.99 -20.25
N PHE B 101 4.47 1.68 -20.11
CA PHE B 101 5.02 1.05 -18.91
C PHE B 101 6.55 1.10 -18.93
N CYS B 102 7.15 0.76 -20.06
CA CYS B 102 8.61 0.79 -20.15
C CYS B 102 9.13 2.22 -19.97
N LEU B 103 8.35 3.19 -20.43
CA LEU B 103 8.74 4.59 -20.31
C LEU B 103 8.53 5.19 -18.91
N ASN B 104 7.79 4.47 -18.07
CA ASN B 104 7.52 4.94 -16.70
C ASN B 104 8.49 4.28 -15.73
N PRO B 105 9.34 5.07 -15.06
CA PRO B 105 10.32 4.55 -14.11
C PRO B 105 9.75 3.82 -12.89
N LYS B 106 8.44 3.95 -12.66
CA LYS B 106 7.81 3.31 -11.51
C LYS B 106 7.37 1.87 -11.72
N THR B 107 7.54 1.35 -12.93
CA THR B 107 7.13 -0.03 -13.21
C THR B 107 8.03 -0.74 -14.21
N ASN B 108 7.94 -2.07 -14.24
CA ASN B 108 8.72 -2.89 -15.15
C ASN B 108 7.79 -3.76 -15.99
N LEU B 109 6.48 -3.55 -15.83
CA LEU B 109 5.49 -4.36 -16.53
C LEU B 109 5.21 -4.01 -17.99
N CYS B 110 6.18 -4.27 -18.86
CA CYS B 110 6.03 -4.01 -20.30
C CYS B 110 4.80 -4.76 -20.81
N GLN B 111 3.93 -4.07 -21.54
CA GLN B 111 2.71 -4.68 -22.05
C GLN B 111 2.70 -4.96 -23.55
N LYS B 112 3.80 -4.64 -24.23
CA LYS B 112 3.91 -4.84 -25.68
C LYS B 112 3.42 -6.17 -26.25
N ILE B 113 3.72 -7.28 -25.58
CA ILE B 113 3.34 -8.59 -26.11
C ILE B 113 2.57 -9.49 -25.16
N ARG B 114 2.03 -8.91 -24.08
CA ARG B 114 1.31 -9.70 -23.09
C ARG B 114 0.12 -10.53 -23.58
N VAL B 115 -0.64 -9.98 -24.53
CA VAL B 115 -1.80 -10.71 -25.03
C VAL B 115 -1.40 -12.02 -25.69
N THR B 116 -0.46 -11.96 -26.62
CA THR B 116 -0.01 -13.18 -27.30
C THR B 116 0.72 -14.10 -26.32
N GLN B 117 1.50 -13.52 -25.42
CA GLN B 117 2.24 -14.32 -24.44
C GLN B 117 1.27 -15.10 -23.54
N GLY B 118 0.17 -14.45 -23.16
CA GLY B 118 -0.81 -15.09 -22.32
C GLY B 118 -1.45 -16.29 -23.01
N LYS B 119 -1.42 -16.28 -24.35
CA LYS B 119 -2.00 -17.35 -25.13
C LYS B 119 -0.96 -18.39 -25.54
N GLY B 120 0.27 -18.22 -25.06
CA GLY B 120 1.33 -19.16 -25.40
C GLY B 120 1.77 -19.05 -26.84
N LEU B 121 1.70 -17.84 -27.40
CA LEU B 121 2.08 -17.61 -28.79
C LEU B 121 3.13 -16.49 -28.93
N MET B 122 3.82 -16.47 -30.07
CA MET B 122 4.80 -15.43 -30.33
C MET B 122 3.98 -14.19 -30.68
N PRO B 123 4.62 -13.01 -30.78
CA PRO B 123 3.90 -11.78 -31.10
C PRO B 123 3.04 -11.82 -32.38
N ASP B 124 3.38 -12.68 -33.32
CA ASP B 124 2.61 -12.74 -34.56
C ASP B 124 1.39 -13.64 -34.45
N GLY B 125 1.11 -14.14 -33.24
CA GLY B 125 -0.05 -14.98 -33.03
C GLY B 125 0.08 -16.47 -33.34
N THR B 126 1.31 -16.96 -33.52
CA THR B 126 1.52 -18.38 -33.80
C THR B 126 2.62 -18.95 -32.91
N SER B 127 2.66 -20.27 -32.81
CA SER B 127 3.66 -20.96 -32.01
C SER B 127 4.76 -21.54 -32.90
N ARG B 128 5.96 -21.63 -32.34
CA ARG B 128 7.10 -22.17 -33.06
C ARG B 128 7.32 -23.64 -32.72
N PHE B 129 6.47 -24.18 -31.85
CA PHE B 129 6.60 -25.57 -31.43
C PHE B 129 5.55 -26.54 -31.98
N THR B 130 6.01 -27.74 -32.35
CA THR B 130 5.12 -28.80 -32.82
C THR B 130 5.67 -30.11 -32.29
N CYS B 131 4.79 -31.07 -32.07
CA CYS B 131 5.20 -32.38 -31.57
C CYS B 131 4.17 -33.43 -32.01
N LYS B 132 4.61 -34.38 -32.82
CA LYS B 132 3.74 -35.44 -33.30
C LYS B 132 2.50 -34.88 -33.99
N GLY B 133 2.71 -33.90 -34.85
CA GLY B 133 1.62 -33.30 -35.60
C GLY B 133 0.75 -32.32 -34.84
N LYS B 134 1.08 -32.04 -33.59
CA LYS B 134 0.26 -31.11 -32.82
C LYS B 134 1.00 -29.84 -32.44
N THR B 135 0.28 -28.73 -32.38
CA THR B 135 0.87 -27.46 -32.01
C THR B 135 1.09 -27.48 -30.50
N ILE B 136 2.28 -27.07 -30.06
CA ILE B 136 2.59 -27.04 -28.65
C ILE B 136 2.74 -25.56 -28.27
N LEU B 137 2.07 -25.15 -27.21
CA LEU B 137 2.11 -23.75 -26.77
C LEU B 137 3.38 -23.30 -26.08
N HIS B 138 3.64 -22.00 -26.15
CA HIS B 138 4.77 -21.40 -25.47
C HIS B 138 4.26 -21.11 -24.07
N TYR B 139 5.15 -20.81 -23.14
CA TYR B 139 4.74 -20.51 -21.77
C TYR B 139 5.54 -19.33 -21.23
N MET B 140 4.83 -18.34 -20.70
CA MET B 140 5.47 -17.15 -20.13
C MET B 140 6.49 -16.52 -21.07
N GLY B 141 6.29 -16.72 -22.37
CA GLY B 141 7.18 -16.18 -23.38
C GLY B 141 8.58 -16.74 -23.39
N THR B 142 8.83 -17.75 -22.56
CA THR B 142 10.18 -18.32 -22.46
C THR B 142 10.33 -19.81 -22.81
N SER B 143 9.44 -20.65 -22.30
CA SER B 143 9.48 -22.10 -22.57
C SER B 143 10.91 -22.66 -22.48
N THR B 144 11.50 -22.59 -21.30
CA THR B 144 12.88 -23.04 -21.12
C THR B 144 13.09 -24.55 -20.99
N PHE B 145 12.00 -25.31 -20.88
CA PHE B 145 12.12 -26.76 -20.77
C PHE B 145 12.25 -27.40 -22.15
N SER B 146 13.23 -26.93 -22.91
CA SER B 146 13.47 -27.43 -24.27
C SER B 146 14.93 -27.19 -24.64
N GLU B 147 15.50 -28.05 -25.48
CA GLU B 147 16.88 -27.85 -25.89
C GLU B 147 17.00 -26.54 -26.65
N TYR B 148 15.92 -26.17 -27.33
CA TYR B 148 15.87 -24.93 -28.10
C TYR B 148 14.50 -24.28 -27.96
N THR B 149 14.48 -22.97 -27.72
CA THR B 149 13.24 -22.23 -27.59
C THR B 149 13.33 -20.98 -28.46
N VAL B 150 12.18 -20.39 -28.77
CA VAL B 150 12.12 -19.17 -29.56
C VAL B 150 11.37 -18.14 -28.72
N VAL B 151 11.93 -16.95 -28.62
CA VAL B 151 11.32 -15.88 -27.83
C VAL B 151 11.31 -14.57 -28.61
N ALA B 152 10.50 -13.61 -28.16
CA ALA B 152 10.42 -12.31 -28.79
C ALA B 152 11.76 -11.64 -28.52
N ASP B 153 12.25 -10.83 -29.46
CA ASP B 153 13.55 -10.21 -29.24
C ASP B 153 13.58 -9.24 -28.06
N ILE B 154 12.41 -8.88 -27.53
CA ILE B 154 12.36 -7.99 -26.38
C ILE B 154 12.31 -8.80 -25.08
N SER B 155 12.35 -10.13 -25.21
CA SER B 155 12.31 -11.02 -24.04
C SER B 155 13.69 -11.65 -23.82
N VAL B 156 14.74 -10.88 -24.14
CA VAL B 156 16.11 -11.39 -24.01
C VAL B 156 17.10 -10.44 -23.34
N ALA B 157 17.83 -10.96 -22.36
CA ALA B 157 18.85 -10.18 -21.67
C ALA B 157 20.21 -10.75 -22.08
N LYS B 158 21.08 -9.91 -22.63
CA LYS B 158 22.41 -10.36 -23.03
C LYS B 158 23.30 -10.21 -21.81
N ILE B 159 23.95 -11.29 -21.40
CA ILE B 159 24.78 -11.24 -20.20
C ILE B 159 26.27 -11.56 -20.38
N ASP B 160 27.00 -11.45 -19.28
CA ASP B 160 28.43 -11.71 -19.23
C ASP B 160 28.71 -13.10 -19.82
N PRO B 161 29.50 -13.17 -20.92
CA PRO B 161 29.82 -14.45 -21.56
C PRO B 161 30.60 -15.43 -20.68
N LEU B 162 31.09 -14.97 -19.53
CA LEU B 162 31.83 -15.84 -18.63
C LEU B 162 30.93 -16.40 -17.53
N ALA B 163 29.69 -15.91 -17.46
CA ALA B 163 28.75 -16.37 -16.44
C ALA B 163 28.44 -17.87 -16.54
N PRO B 164 28.47 -18.58 -15.41
CA PRO B 164 28.18 -20.02 -15.41
C PRO B 164 26.66 -20.17 -15.53
N LEU B 165 26.21 -20.60 -16.71
CA LEU B 165 24.78 -20.75 -16.99
C LEU B 165 24.03 -21.71 -16.09
N ASP B 166 24.74 -22.71 -15.55
CA ASP B 166 24.12 -23.69 -14.67
C ASP B 166 23.83 -23.04 -13.31
N LYS B 167 24.14 -21.76 -13.20
CA LYS B 167 23.88 -21.01 -11.98
C LYS B 167 23.01 -19.78 -12.23
N VAL B 168 23.38 -18.95 -13.21
CA VAL B 168 22.61 -17.73 -13.48
C VAL B 168 21.21 -17.95 -14.06
N CYS B 169 20.90 -19.19 -14.45
CA CYS B 169 19.55 -19.45 -14.96
C CYS B 169 18.56 -19.10 -13.85
N LEU B 170 19.01 -19.19 -12.60
CA LEU B 170 18.15 -18.88 -11.46
C LEU B 170 17.77 -17.40 -11.36
N LEU B 171 18.52 -16.55 -12.03
CA LEU B 171 18.21 -15.12 -12.03
C LEU B 171 17.03 -14.88 -12.95
N GLY B 172 16.58 -15.95 -13.60
CA GLY B 172 15.44 -15.87 -14.50
C GLY B 172 14.13 -15.58 -13.78
N CYS B 173 14.07 -15.85 -12.47
CA CYS B 173 12.86 -15.57 -11.72
C CYS B 173 13.03 -15.44 -10.20
N GLY B 174 13.08 -16.57 -9.51
CA GLY B 174 13.20 -16.60 -8.07
C GLY B 174 14.12 -15.60 -7.38
N ILE B 175 15.42 -15.75 -7.58
CA ILE B 175 16.40 -14.87 -6.95
C ILE B 175 16.13 -13.39 -7.26
N SER B 176 15.97 -13.07 -8.54
CA SER B 176 15.72 -11.69 -8.94
C SER B 176 14.47 -11.11 -8.29
N THR B 177 13.43 -11.93 -8.20
CA THR B 177 12.16 -11.48 -7.62
C THR B 177 12.31 -11.12 -6.14
N GLY B 178 12.89 -12.03 -5.35
CA GLY B 178 13.06 -11.76 -3.93
C GLY B 178 14.03 -10.63 -3.67
N TYR B 179 15.14 -10.62 -4.40
CA TYR B 179 16.15 -9.59 -4.25
C TYR B 179 15.56 -8.21 -4.57
N GLY B 180 14.83 -8.13 -5.69
CA GLY B 180 14.23 -6.88 -6.10
C GLY B 180 13.12 -6.40 -5.17
N ALA B 181 12.41 -7.35 -4.57
CA ALA B 181 11.33 -7.01 -3.64
C ALA B 181 11.90 -6.16 -2.49
N ALA B 182 13.11 -6.50 -2.08
CA ALA B 182 13.76 -5.78 -0.99
C ALA B 182 14.35 -4.43 -1.41
N VAL B 183 15.20 -4.43 -2.42
CA VAL B 183 15.86 -3.20 -2.85
C VAL B 183 15.10 -2.30 -3.82
N ASN B 184 14.08 -2.84 -4.50
CA ASN B 184 13.31 -2.04 -5.45
C ASN B 184 11.92 -1.68 -4.93
N THR B 185 11.18 -2.68 -4.47
CA THR B 185 9.82 -2.44 -3.98
C THR B 185 9.78 -1.80 -2.60
N ALA B 186 10.46 -2.42 -1.64
CA ALA B 186 10.48 -1.90 -0.28
C ALA B 186 11.48 -0.75 -0.13
N LYS B 187 12.63 -0.86 -0.80
CA LYS B 187 13.67 0.14 -0.69
C LYS B 187 13.94 0.37 0.79
N LEU B 188 14.09 -0.72 1.53
CA LEU B 188 14.33 -0.63 2.97
C LEU B 188 15.63 0.10 3.28
N GLU B 189 15.60 0.88 4.35
CA GLU B 189 16.75 1.68 4.77
C GLU B 189 17.68 0.89 5.71
N PRO B 190 18.95 1.30 5.79
CA PRO B 190 19.88 0.59 6.68
C PRO B 190 19.32 0.62 8.10
N GLY B 191 19.43 -0.50 8.81
CA GLY B 191 18.93 -0.57 10.17
C GLY B 191 17.49 -1.05 10.30
N SER B 192 16.80 -1.24 9.17
CA SER B 192 15.41 -1.69 9.20
C SER B 192 15.19 -3.06 9.83
N VAL B 193 14.01 -3.25 10.40
CA VAL B 193 13.63 -4.51 11.02
C VAL B 193 12.67 -5.17 10.02
N CYS B 194 13.07 -6.33 9.51
CA CYS B 194 12.28 -7.04 8.51
C CYS B 194 11.83 -8.44 8.92
N ALA B 195 10.73 -8.87 8.31
CA ALA B 195 10.18 -10.21 8.55
C ALA B 195 9.93 -10.80 7.16
N VAL B 196 10.32 -12.06 6.98
CA VAL B 196 10.13 -12.74 5.70
C VAL B 196 9.35 -14.03 5.91
N PHE B 197 8.16 -14.10 5.31
CA PHE B 197 7.30 -15.28 5.42
C PHE B 197 7.50 -16.21 4.23
N GLY B 198 7.96 -17.43 4.52
CA GLY B 198 8.22 -18.39 3.46
C GLY B 198 9.72 -18.39 3.20
N LEU B 199 10.40 -19.48 3.56
CA LEU B 199 11.84 -19.53 3.39
C LEU B 199 12.35 -20.40 2.25
N GLY B 200 11.67 -20.30 1.11
CA GLY B 200 12.07 -21.05 -0.06
C GLY B 200 12.98 -20.16 -0.88
N GLY B 201 13.11 -20.45 -2.17
CA GLY B 201 13.97 -19.64 -3.03
C GLY B 201 13.73 -18.14 -2.96
N VAL B 202 12.48 -17.73 -3.17
CA VAL B 202 12.15 -16.30 -3.12
C VAL B 202 12.46 -15.70 -1.76
N GLY B 203 12.00 -16.37 -0.71
CA GLY B 203 12.26 -15.87 0.64
C GLY B 203 13.73 -15.68 0.93
N LEU B 204 14.56 -16.63 0.50
CA LEU B 204 15.99 -16.52 0.75
C LEU B 204 16.57 -15.32 0.02
N ALA B 205 16.06 -15.04 -1.18
CA ALA B 205 16.54 -13.91 -1.96
C ALA B 205 16.13 -12.60 -1.30
N VAL B 206 14.97 -12.59 -0.66
CA VAL B 206 14.51 -11.39 0.03
C VAL B 206 15.46 -11.12 1.20
N ILE B 207 15.77 -12.18 1.95
CA ILE B 207 16.68 -12.07 3.09
C ILE B 207 18.02 -11.55 2.57
N MET B 208 18.46 -12.11 1.45
CA MET B 208 19.71 -11.69 0.83
C MET B 208 19.66 -10.19 0.55
N GLY B 209 18.53 -9.74 0.03
CA GLY B 209 18.35 -8.33 -0.28
C GLY B 209 18.32 -7.47 0.98
N CYS B 210 17.63 -7.95 2.01
CA CYS B 210 17.56 -7.20 3.26
C CYS B 210 18.96 -7.04 3.86
N LYS B 211 19.79 -8.07 3.74
CA LYS B 211 21.16 -8.01 4.25
C LYS B 211 21.98 -7.00 3.44
N VAL B 212 21.84 -7.04 2.12
CA VAL B 212 22.57 -6.11 1.26
C VAL B 212 22.18 -4.67 1.58
N ALA B 213 20.91 -4.46 1.90
CA ALA B 213 20.41 -3.13 2.23
C ALA B 213 20.80 -2.69 3.64
N GLY B 214 21.35 -3.61 4.43
CA GLY B 214 21.77 -3.28 5.77
C GLY B 214 20.75 -3.39 6.89
N ALA B 215 19.74 -4.25 6.73
CA ALA B 215 18.73 -4.42 7.77
C ALA B 215 19.41 -4.77 9.09
N SER B 216 18.85 -4.30 10.20
CA SER B 216 19.43 -4.59 11.52
C SER B 216 18.93 -5.95 12.02
N ARG B 217 17.69 -6.28 11.64
CA ARG B 217 17.08 -7.55 12.02
C ARG B 217 16.33 -8.13 10.82
N ILE B 218 16.42 -9.45 10.66
CA ILE B 218 15.73 -10.13 9.57
C ILE B 218 15.16 -11.43 10.16
N ILE B 219 13.86 -11.40 10.42
CA ILE B 219 13.17 -12.54 11.02
C ILE B 219 12.51 -13.46 9.99
N GLY B 220 13.05 -14.67 9.85
CA GLY B 220 12.49 -15.61 8.91
C GLY B 220 11.29 -16.29 9.55
N VAL B 221 10.24 -16.50 8.76
CA VAL B 221 9.04 -17.14 9.29
C VAL B 221 8.62 -18.30 8.40
N ASP B 222 8.57 -19.49 8.97
CA ASP B 222 8.19 -20.69 8.22
C ASP B 222 7.78 -21.81 9.18
N ILE B 223 6.82 -22.63 8.77
CA ILE B 223 6.37 -23.73 9.62
C ILE B 223 7.31 -24.92 9.48
N ASN B 224 8.15 -24.91 8.45
CA ASN B 224 9.11 -25.99 8.21
C ASN B 224 10.46 -25.53 8.75
N LYS B 225 10.79 -25.92 9.97
CA LYS B 225 12.04 -25.50 10.57
C LYS B 225 13.30 -26.03 9.87
N ASP B 226 13.14 -26.94 8.92
CA ASP B 226 14.29 -27.45 8.19
C ASP B 226 14.87 -26.34 7.31
N LYS B 227 14.06 -25.32 7.05
CA LYS B 227 14.47 -24.20 6.20
C LYS B 227 15.26 -23.13 6.96
N PHE B 228 15.26 -23.21 8.29
CA PHE B 228 15.95 -22.21 9.10
C PHE B 228 17.46 -22.08 8.92
N ALA B 229 18.17 -23.21 8.93
CA ALA B 229 19.62 -23.18 8.78
C ALA B 229 20.07 -22.35 7.59
N ARG B 230 19.54 -22.64 6.41
CA ARG B 230 19.95 -21.90 5.24
C ARG B 230 19.50 -20.44 5.32
N ALA B 231 18.35 -20.19 5.92
CA ALA B 231 17.85 -18.82 6.05
C ALA B 231 18.85 -17.99 6.84
N LYS B 232 19.42 -18.56 7.91
CA LYS B 232 20.39 -17.84 8.71
C LYS B 232 21.67 -17.63 7.93
N GLU B 233 22.05 -18.61 7.13
CA GLU B 233 23.26 -18.51 6.32
C GLU B 233 23.12 -17.34 5.36
N PHE B 234 21.89 -17.07 4.93
CA PHE B 234 21.62 -15.98 4.02
C PHE B 234 21.52 -14.63 4.71
N GLY B 235 21.41 -14.65 6.04
CA GLY B 235 21.33 -13.39 6.76
C GLY B 235 20.26 -13.26 7.83
N ALA B 236 19.35 -14.22 7.91
CA ALA B 236 18.29 -14.16 8.91
C ALA B 236 18.92 -14.12 10.30
N THR B 237 18.54 -13.12 11.09
CA THR B 237 19.07 -12.97 12.44
C THR B 237 18.39 -13.95 13.39
N GLU B 238 17.20 -14.40 12.99
CA GLU B 238 16.47 -15.39 13.77
C GLU B 238 15.28 -15.89 12.96
N CYS B 239 14.84 -17.11 13.27
CA CYS B 239 13.72 -17.71 12.57
C CYS B 239 12.70 -18.19 13.58
N ILE B 240 11.42 -18.05 13.24
CA ILE B 240 10.36 -18.49 14.13
C ILE B 240 9.36 -19.36 13.38
N ASN B 241 8.89 -20.40 14.07
CA ASN B 241 7.93 -21.34 13.52
C ASN B 241 6.57 -20.98 14.12
N PRO B 242 5.63 -20.50 13.29
CA PRO B 242 4.29 -20.14 13.76
C PRO B 242 3.63 -21.19 14.64
N GLN B 243 3.95 -22.47 14.40
CA GLN B 243 3.35 -23.56 15.17
C GLN B 243 3.84 -23.64 16.62
N ASP B 244 4.91 -22.92 16.95
CA ASP B 244 5.43 -22.94 18.31
C ASP B 244 4.68 -21.94 19.19
N PHE B 245 3.76 -21.19 18.57
CA PHE B 245 3.00 -20.19 19.32
C PHE B 245 1.50 -20.48 19.31
N SER B 246 0.80 -20.01 20.33
CA SER B 246 -0.64 -20.23 20.43
C SER B 246 -1.42 -18.96 20.13
N LYS B 247 -0.75 -17.97 19.57
CA LYS B 247 -1.38 -16.71 19.20
C LYS B 247 -1.06 -16.43 17.74
N PRO B 248 -1.87 -15.59 17.07
CA PRO B 248 -1.62 -15.29 15.66
C PRO B 248 -0.18 -14.82 15.45
N ILE B 249 0.43 -15.27 14.36
CA ILE B 249 1.81 -14.92 14.07
C ILE B 249 2.08 -13.41 14.05
N GLN B 250 1.13 -12.60 13.61
CA GLN B 250 1.35 -11.16 13.59
C GLN B 250 1.53 -10.63 15.00
N GLU B 251 0.79 -11.20 15.95
CA GLU B 251 0.91 -10.77 17.35
C GLU B 251 2.28 -11.14 17.90
N VAL B 252 2.80 -12.28 17.46
CA VAL B 252 4.12 -12.73 17.89
C VAL B 252 5.18 -11.75 17.41
N LEU B 253 5.10 -11.38 16.14
CA LEU B 253 6.07 -10.45 15.57
C LEU B 253 6.00 -9.07 16.19
N ILE B 254 4.78 -8.61 16.45
CA ILE B 254 4.60 -7.30 17.07
C ILE B 254 5.27 -7.32 18.45
N GLU B 255 5.04 -8.40 19.18
CA GLU B 255 5.60 -8.54 20.51
C GLU B 255 7.13 -8.55 20.53
N MET B 256 7.74 -9.29 19.60
CA MET B 256 9.20 -9.36 19.55
C MET B 256 9.90 -8.20 18.87
N THR B 257 9.13 -7.20 18.44
CA THR B 257 9.73 -6.04 17.78
C THR B 257 9.20 -4.74 18.37
N ASP B 258 8.47 -4.85 19.48
CA ASP B 258 7.92 -3.69 20.15
C ASP B 258 7.05 -2.83 19.23
N GLY B 259 6.01 -3.43 18.66
CA GLY B 259 5.12 -2.69 17.78
C GLY B 259 4.94 -3.29 16.39
N GLY B 260 5.96 -3.96 15.89
CA GLY B 260 5.89 -4.56 14.57
C GLY B 260 7.13 -4.25 13.75
N VAL B 261 7.30 -4.96 12.63
CA VAL B 261 8.47 -4.76 11.79
C VAL B 261 8.30 -3.57 10.84
N ASP B 262 9.42 -3.07 10.32
CA ASP B 262 9.38 -1.95 9.39
C ASP B 262 8.96 -2.45 8.02
N TYR B 263 9.41 -3.64 7.67
CA TYR B 263 9.08 -4.24 6.38
C TYR B 263 8.84 -5.74 6.49
N SER B 264 7.77 -6.21 5.84
CA SER B 264 7.46 -7.63 5.82
C SER B 264 7.27 -8.06 4.38
N PHE B 265 7.61 -9.32 4.08
CA PHE B 265 7.47 -9.84 2.73
C PHE B 265 6.80 -11.22 2.76
N GLU B 266 5.73 -11.39 2.00
CA GLU B 266 5.06 -12.68 1.96
C GLU B 266 5.56 -13.35 0.69
N CYS B 267 6.23 -14.49 0.87
CA CYS B 267 6.81 -15.22 -0.25
C CYS B 267 6.24 -16.63 -0.37
N ILE B 268 4.95 -16.76 -0.08
CA ILE B 268 4.30 -18.07 -0.14
C ILE B 268 3.12 -18.07 -1.11
N GLY B 269 2.30 -17.03 -1.05
CA GLY B 269 1.15 -16.96 -1.93
C GLY B 269 -0.11 -17.36 -1.19
N ASN B 270 -0.06 -17.26 0.14
CA ASN B 270 -1.19 -17.61 1.00
C ASN B 270 -1.84 -16.31 1.48
N VAL B 271 -3.10 -16.08 1.09
CA VAL B 271 -3.79 -14.85 1.46
C VAL B 271 -3.90 -14.60 2.96
N LYS B 272 -4.01 -15.67 3.77
CA LYS B 272 -4.10 -15.50 5.21
C LYS B 272 -2.75 -15.01 5.74
N VAL B 273 -1.67 -15.57 5.21
CA VAL B 273 -0.34 -15.18 5.65
C VAL B 273 -0.09 -13.74 5.16
N MET B 274 -0.69 -13.39 4.03
CA MET B 274 -0.53 -12.04 3.49
C MET B 274 -1.11 -11.04 4.48
N ARG B 275 -2.30 -11.34 4.98
CA ARG B 275 -2.94 -10.46 5.95
C ARG B 275 -2.04 -10.37 7.18
N ALA B 276 -1.54 -11.53 7.61
CA ALA B 276 -0.67 -11.60 8.77
C ALA B 276 0.57 -10.74 8.56
N ALA B 277 1.16 -10.82 7.37
CA ALA B 277 2.36 -10.05 7.06
C ALA B 277 2.09 -8.55 7.16
N LEU B 278 0.92 -8.11 6.71
CA LEU B 278 0.58 -6.70 6.78
C LEU B 278 0.39 -6.29 8.23
N GLU B 279 -0.40 -7.07 8.96
CA GLU B 279 -0.69 -6.76 10.35
C GLU B 279 0.49 -6.85 11.32
N ALA B 280 1.57 -7.52 10.90
CA ALA B 280 2.75 -7.65 11.74
C ALA B 280 3.63 -6.41 11.57
N CYS B 281 3.25 -5.55 10.64
CA CYS B 281 4.02 -4.33 10.40
C CYS B 281 3.76 -3.27 11.46
N HIS B 282 4.78 -2.48 11.73
CA HIS B 282 4.68 -1.43 12.74
C HIS B 282 3.67 -0.36 12.37
N LYS B 283 2.96 0.12 13.38
CA LYS B 283 1.98 1.18 13.20
C LYS B 283 2.73 2.40 12.69
N GLY B 284 2.04 3.26 11.95
CA GLY B 284 2.66 4.47 11.45
C GLY B 284 3.51 4.42 10.19
N TRP B 285 4.41 3.44 10.07
CA TRP B 285 5.28 3.39 8.90
C TRP B 285 5.56 2.00 8.31
N GLY B 286 4.94 0.97 8.88
CA GLY B 286 5.17 -0.38 8.38
C GLY B 286 4.74 -0.58 6.94
N VAL B 287 5.48 -1.42 6.21
CA VAL B 287 5.18 -1.71 4.82
C VAL B 287 5.29 -3.20 4.53
N SER B 288 4.24 -3.79 3.96
CA SER B 288 4.27 -5.22 3.63
C SER B 288 4.24 -5.38 2.12
N VAL B 289 5.11 -6.24 1.61
CA VAL B 289 5.19 -6.50 0.17
C VAL B 289 4.77 -7.93 -0.16
N VAL B 290 3.75 -8.05 -1.00
CA VAL B 290 3.28 -9.36 -1.43
C VAL B 290 4.15 -9.80 -2.60
N VAL B 291 4.92 -10.87 -2.39
CA VAL B 291 5.81 -11.37 -3.42
C VAL B 291 5.29 -12.67 -4.04
N GLY B 292 4.57 -13.47 -3.25
CA GLY B 292 4.04 -14.72 -3.76
C GLY B 292 2.74 -14.56 -4.54
N VAL B 293 2.47 -15.49 -5.46
CA VAL B 293 1.25 -15.40 -6.26
C VAL B 293 0.17 -16.36 -5.77
N ALA B 294 -0.89 -15.78 -5.20
CA ALA B 294 -2.01 -16.56 -4.66
C ALA B 294 -2.92 -17.19 -5.71
N ALA B 295 -3.61 -18.26 -5.30
CA ALA B 295 -4.53 -18.98 -6.16
C ALA B 295 -5.66 -18.07 -6.63
N SER B 296 -6.15 -18.32 -7.84
CA SER B 296 -7.22 -17.53 -8.44
C SER B 296 -8.45 -17.41 -7.55
N GLY B 297 -9.09 -16.24 -7.59
CA GLY B 297 -10.28 -16.02 -6.79
C GLY B 297 -9.98 -15.62 -5.36
N GLU B 298 -8.90 -16.15 -4.80
CA GLU B 298 -8.52 -15.85 -3.43
C GLU B 298 -8.31 -14.35 -3.23
N GLU B 299 -8.79 -13.84 -2.10
CA GLU B 299 -8.66 -12.41 -1.81
C GLU B 299 -7.92 -12.16 -0.51
N ILE B 300 -7.25 -11.02 -0.42
CA ILE B 300 -6.57 -10.64 0.81
C ILE B 300 -7.54 -9.71 1.50
N ALA B 301 -7.47 -9.64 2.82
CA ALA B 301 -8.37 -8.78 3.56
C ALA B 301 -7.75 -8.32 4.86
N THR B 302 -8.29 -7.23 5.40
CA THR B 302 -7.84 -6.66 6.66
C THR B 302 -8.80 -5.52 6.98
N ARG B 303 -8.63 -4.90 8.14
CA ARG B 303 -9.48 -3.77 8.52
C ARG B 303 -8.79 -2.50 8.04
N PRO B 304 -9.54 -1.59 7.40
CA PRO B 304 -8.95 -0.35 6.91
C PRO B 304 -8.16 0.40 7.97
N PHE B 305 -8.52 0.16 9.22
CA PHE B 305 -7.83 0.79 10.35
C PHE B 305 -6.32 0.56 10.21
N GLN B 306 -5.94 -0.62 9.75
CA GLN B 306 -4.54 -0.98 9.56
C GLN B 306 -3.80 -0.02 8.63
N LEU B 307 -4.49 0.43 7.58
CA LEU B 307 -3.88 1.35 6.62
C LEU B 307 -3.99 2.78 7.14
N VAL B 308 -5.14 3.11 7.71
CA VAL B 308 -5.35 4.46 8.24
C VAL B 308 -4.32 4.78 9.31
N THR B 309 -3.95 3.79 10.12
CA THR B 309 -2.96 4.04 11.16
C THR B 309 -1.51 3.89 10.68
N GLY B 310 -1.28 4.02 9.38
CA GLY B 310 0.08 4.00 8.86
C GLY B 310 0.74 2.86 8.09
N ARG B 311 0.09 1.71 7.94
CA ARG B 311 0.71 0.62 7.21
C ARG B 311 0.40 0.70 5.72
N THR B 312 1.32 0.21 4.91
CA THR B 312 1.17 0.25 3.45
C THR B 312 1.26 -1.15 2.86
N TRP B 313 0.34 -1.46 1.95
CA TRP B 313 0.31 -2.77 1.31
C TRP B 313 0.77 -2.64 -0.14
N LYS B 314 1.84 -3.36 -0.47
CA LYS B 314 2.41 -3.34 -1.81
C LYS B 314 2.58 -4.75 -2.35
N GLY B 315 3.01 -4.84 -3.61
CA GLY B 315 3.25 -6.12 -4.23
C GLY B 315 4.35 -5.94 -5.25
N THR B 316 4.86 -7.03 -5.82
CA THR B 316 5.91 -6.89 -6.82
C THR B 316 5.88 -8.06 -7.80
N ALA B 317 6.40 -7.80 -9.00
CA ALA B 317 6.47 -8.80 -10.05
C ALA B 317 7.90 -8.78 -10.58
N PHE B 318 8.57 -9.92 -10.49
CA PHE B 318 9.95 -10.04 -10.92
C PHE B 318 10.81 -8.98 -10.24
N GLY B 319 10.52 -8.74 -8.96
CA GLY B 319 11.29 -7.77 -8.18
C GLY B 319 11.33 -6.33 -8.65
N GLY B 320 10.43 -5.97 -9.57
CA GLY B 320 10.39 -4.60 -10.06
C GLY B 320 11.50 -4.25 -11.03
N TRP B 321 12.28 -5.24 -11.45
CA TRP B 321 13.38 -5.01 -12.38
C TRP B 321 12.97 -4.79 -13.83
N LYS B 322 13.42 -3.68 -14.43
CA LYS B 322 13.14 -3.49 -15.85
C LYS B 322 14.13 -4.52 -16.39
N SER B 323 13.58 -5.66 -16.78
CA SER B 323 14.30 -6.85 -17.23
C SER B 323 15.51 -6.79 -18.13
N VAL B 324 15.35 -6.24 -19.33
CA VAL B 324 16.48 -6.22 -20.27
C VAL B 324 17.69 -5.46 -19.77
N GLU B 325 17.48 -4.35 -19.07
CA GLU B 325 18.61 -3.58 -18.58
C GLU B 325 19.10 -4.07 -17.22
N SER B 326 18.20 -4.64 -16.42
CA SER B 326 18.55 -5.11 -15.08
C SER B 326 19.23 -6.48 -14.99
N VAL B 327 18.67 -7.48 -15.68
CA VAL B 327 19.25 -8.82 -15.60
C VAL B 327 20.76 -8.87 -15.86
N PRO B 328 21.27 -8.10 -16.84
CA PRO B 328 22.72 -8.15 -17.06
C PRO B 328 23.48 -7.63 -15.85
N LYS B 329 22.92 -6.62 -15.19
CA LYS B 329 23.54 -6.03 -14.02
C LYS B 329 23.49 -6.99 -12.83
N LEU B 330 22.41 -7.77 -12.75
CA LEU B 330 22.28 -8.74 -11.67
C LEU B 330 23.33 -9.83 -11.86
N VAL B 331 23.56 -10.24 -13.10
CA VAL B 331 24.58 -11.24 -13.38
C VAL B 331 25.94 -10.69 -12.95
N SER B 332 26.19 -9.42 -13.26
CA SER B 332 27.46 -8.79 -12.90
C SER B 332 27.60 -8.72 -11.38
N GLU B 333 26.50 -8.48 -10.68
CA GLU B 333 26.54 -8.42 -9.22
C GLU B 333 26.89 -9.79 -8.67
N TYR B 334 26.48 -10.83 -9.37
CA TYR B 334 26.78 -12.19 -8.96
C TYR B 334 28.27 -12.46 -9.21
N MET B 335 28.73 -12.09 -10.39
CA MET B 335 30.13 -12.28 -10.78
C MET B 335 31.07 -11.53 -9.85
N SER B 336 30.63 -10.39 -9.34
CA SER B 336 31.46 -9.59 -8.45
C SER B 336 31.26 -9.94 -6.98
N LYS B 337 30.54 -11.02 -6.72
CA LYS B 337 30.27 -11.48 -5.36
C LYS B 337 29.36 -10.61 -4.50
N LYS B 338 28.64 -9.67 -5.12
CA LYS B 338 27.73 -8.81 -4.35
C LYS B 338 26.50 -9.59 -3.91
N ILE B 339 26.00 -10.45 -4.79
CA ILE B 339 24.83 -11.27 -4.47
C ILE B 339 25.19 -12.74 -4.65
N LYS B 340 24.42 -13.62 -4.03
CA LYS B 340 24.65 -15.05 -4.12
C LYS B 340 23.70 -15.69 -5.10
N VAL B 341 24.14 -16.80 -5.69
CA VAL B 341 23.34 -17.57 -6.63
C VAL B 341 23.62 -19.04 -6.39
N ASP B 342 24.90 -19.40 -6.34
CA ASP B 342 25.31 -20.78 -6.12
C ASP B 342 24.62 -21.39 -4.90
N GLU B 343 24.55 -20.62 -3.83
CA GLU B 343 23.94 -21.05 -2.56
C GLU B 343 22.47 -21.46 -2.71
N PHE B 344 21.83 -21.06 -3.80
CA PHE B 344 20.43 -21.40 -4.04
C PHE B 344 20.27 -22.81 -4.62
N VAL B 345 21.32 -23.32 -5.26
CA VAL B 345 21.28 -24.63 -5.88
C VAL B 345 21.45 -25.75 -4.86
N THR B 346 20.40 -26.52 -4.64
CA THR B 346 20.44 -27.62 -3.69
C THR B 346 20.50 -28.99 -4.36
N HIS B 347 20.08 -29.06 -5.62
CA HIS B 347 20.10 -30.32 -6.37
C HIS B 347 20.44 -30.09 -7.83
N ASN B 348 20.94 -31.13 -8.50
CA ASN B 348 21.29 -31.07 -9.91
C ASN B 348 20.80 -32.34 -10.60
N LEU B 349 20.19 -32.19 -11.77
CA LEU B 349 19.65 -33.32 -12.52
C LEU B 349 19.87 -33.18 -14.02
N SER B 350 19.65 -34.29 -14.74
CA SER B 350 19.78 -34.30 -16.18
C SER B 350 18.38 -33.99 -16.72
N PHE B 351 18.31 -33.60 -18.00
CA PHE B 351 17.04 -33.26 -18.62
C PHE B 351 15.99 -34.37 -18.52
N ASP B 352 16.41 -35.61 -18.70
CA ASP B 352 15.48 -36.74 -18.62
C ASP B 352 14.82 -36.89 -17.25
N GLU B 353 15.50 -36.39 -16.21
CA GLU B 353 14.97 -36.48 -14.85
C GLU B 353 14.26 -35.21 -14.39
N ILE B 354 13.84 -34.37 -15.34
CA ILE B 354 13.19 -33.12 -14.97
C ILE B 354 11.99 -33.29 -14.01
N ASN B 355 11.28 -34.39 -14.11
CA ASN B 355 10.13 -34.59 -13.21
C ASN B 355 10.54 -34.70 -11.75
N LYS B 356 11.77 -35.14 -11.50
CA LYS B 356 12.24 -35.25 -10.12
C LYS B 356 12.35 -33.86 -9.50
N ALA B 357 12.62 -32.86 -10.33
CA ALA B 357 12.72 -31.49 -9.85
C ALA B 357 11.36 -31.07 -9.31
N PHE B 358 10.30 -31.47 -10.01
CA PHE B 358 8.95 -31.15 -9.57
C PHE B 358 8.66 -31.92 -8.27
N GLU B 359 9.14 -33.16 -8.20
CA GLU B 359 8.94 -33.98 -7.03
C GLU B 359 9.68 -33.40 -5.82
N LEU B 360 10.92 -32.96 -6.04
CA LEU B 360 11.71 -32.37 -4.96
C LEU B 360 11.08 -31.08 -4.43
N MET B 361 10.47 -30.31 -5.32
CA MET B 361 9.83 -29.08 -4.92
C MET B 361 8.61 -29.37 -4.07
N HIS B 362 7.73 -30.23 -4.60
CA HIS B 362 6.51 -30.62 -3.91
C HIS B 362 6.78 -31.16 -2.51
N SER B 363 7.88 -31.90 -2.37
CA SER B 363 8.26 -32.49 -1.09
C SER B 363 8.91 -31.45 -0.18
N GLY B 364 9.24 -30.30 -0.75
CA GLY B 364 9.85 -29.24 0.04
C GLY B 364 11.26 -29.47 0.54
N LYS B 365 11.97 -30.46 -0.02
CA LYS B 365 13.34 -30.79 0.40
C LYS B 365 14.33 -29.80 -0.18
N SER B 366 14.01 -29.28 -1.36
CA SER B 366 14.91 -28.36 -2.03
C SER B 366 14.53 -26.87 -2.10
N ILE B 367 15.46 -26.08 -2.63
CA ILE B 367 15.27 -24.66 -2.84
C ILE B 367 15.20 -24.54 -4.37
N ARG B 368 16.26 -24.98 -5.04
CA ARG B 368 16.28 -24.95 -6.49
C ARG B 368 17.07 -26.13 -7.05
N THR B 369 16.47 -26.80 -8.05
CA THR B 369 17.10 -27.92 -8.71
C THR B 369 17.45 -27.46 -10.12
N VAL B 370 18.74 -27.45 -10.45
CA VAL B 370 19.17 -27.03 -11.77
C VAL B 370 19.21 -28.25 -12.69
N VAL B 371 18.54 -28.14 -13.82
CA VAL B 371 18.47 -29.21 -14.80
C VAL B 371 19.42 -28.94 -15.95
N LYS B 372 20.36 -29.85 -16.17
CA LYS B 372 21.32 -29.71 -17.26
C LYS B 372 20.68 -30.26 -18.52
N ILE B 373 20.52 -29.41 -19.53
CA ILE B 373 19.92 -29.85 -20.78
C ILE B 373 20.86 -30.83 -21.46
#